data_1K3I
#
_entry.id   1K3I
#
_cell.length_a   69.313
_cell.length_b   89.516
_cell.length_c   93.960
_cell.angle_alpha   90.00
_cell.angle_beta   90.00
_cell.angle_gamma   90.00
#
_symmetry.space_group_name_H-M   'P 21 21 21'
#
loop_
_entity.id
_entity.type
_entity.pdbx_description
1 polymer 'Galactose Oxidase Precursor'
2 non-polymer alpha-D-glucopyranose
3 non-polymer 'CALCIUM ION'
4 non-polymer 'ACETATE ION'
5 water water
#
_entity_poly.entity_id   1
_entity_poly.type   'polypeptide(L)'
_entity_poly.pdbx_seq_one_letter_code
;AVGTGIPEGSLQFLSLRASAPIGSAISRNNWAVTCDSAQSGNECNKAIDGNKDTFWHTFYGANGDPKPPHTYTIDMKTTQ
NVNGLSMLPRQDGNQNGWIGRHEVYLSSDGTNWGSPVASGSWFADSTTKYSNFETRPARYVRLVAITEANGQPWTSIAEI
NVFQASSYTAPQPGLGRWGPTIDLPIVPAAAAIEPTSGRVLMWSSYRNDAFGGSPGGITLTSSWDPSTGIVSDRTVTVTK
HDMF(CSO)PGISMDGNGQIVVTGGNDAKKTSLYDSSSDSWIPGPDMQVARGYQSSATMSDGRVFTIGGSWSGGVFEKNG
EVYSPSSKTWTSLPNAKVNPMLTADKQGLYRSDNHAWLFGWKKGSVFQAGPSTAMNWYYTSGSGDVKSAGKRQSNRGVAP
DAMCGNAVMYDAVKGKILTFGGSPDYQDSDATTNAHIITLGEPGTSPNTVFASNGLYFARTFHTSVVLPDGSTFITGGQR
RGIPFEDSTPVFTPEIYVPEQDTFYKQNPNSIVRVYHSISLLLPDGRVFNGGGGLCGDCTTNHFDAQIFTPNYLYNSNGN
LATRPKITRTSTQSVKVGGRITISTDSSISKASLIRYGTATHTVNTDQRRIPLTLTNNGGNSYSFQVPSDSGVALPGYWM
LFVMNSAGVPSVASTIRVTQ
;
_entity_poly.pdbx_strand_id   A
#
# COMPACT_ATOMS: atom_id res chain seq x y z
N ILE A 6 -7.77 -5.48 30.34
CA ILE A 6 -9.00 -5.47 29.50
C ILE A 6 -8.66 -5.06 28.07
N PRO A 7 -8.48 -6.06 27.18
CA PRO A 7 -8.15 -5.79 25.77
C PRO A 7 -9.34 -5.28 24.98
N GLU A 8 -9.09 -4.88 23.74
CA GLU A 8 -10.14 -4.39 22.86
C GLU A 8 -10.85 -5.53 22.14
N GLY A 9 -12.17 -5.55 22.21
CA GLY A 9 -12.93 -6.59 21.53
C GLY A 9 -12.79 -8.00 22.06
N SER A 10 -12.98 -8.98 21.20
CA SER A 10 -12.88 -10.39 21.58
C SER A 10 -12.44 -11.27 20.43
N LEU A 11 -12.06 -12.49 20.75
CA LEU A 11 -11.61 -13.46 19.74
C LEU A 11 -12.77 -13.81 18.82
N GLN A 12 -13.97 -13.86 19.38
CA GLN A 12 -15.17 -14.19 18.60
C GLN A 12 -15.34 -13.28 17.38
N PHE A 13 -14.91 -12.03 17.52
CA PHE A 13 -15.01 -11.06 16.44
C PHE A 13 -13.69 -10.84 15.72
N LEU A 14 -12.64 -11.55 16.13
CA LEU A 14 -11.32 -11.40 15.53
C LEU A 14 -10.94 -9.93 15.61
N SER A 15 -11.05 -9.38 16.82
CA SER A 15 -10.77 -7.99 17.10
C SER A 15 -9.30 -7.63 17.27
N LEU A 16 -9.00 -6.35 17.05
CA LEU A 16 -7.66 -5.80 17.20
C LEU A 16 -7.83 -4.36 17.69
N ARG A 17 -6.88 -3.87 18.48
CA ARG A 17 -6.95 -2.49 18.97
C ARG A 17 -6.59 -1.57 17.80
N ALA A 18 -7.37 -0.51 17.61
CA ALA A 18 -7.11 0.44 16.52
C ALA A 18 -6.20 1.56 17.01
N SER A 19 -5.31 2.03 16.14
CA SER A 19 -4.39 3.10 16.50
C SER A 19 -5.06 4.46 16.52
N ALA A 20 -4.74 5.25 17.54
CA ALA A 20 -5.27 6.59 17.70
C ALA A 20 -4.34 7.57 16.98
N PRO A 21 -4.79 8.82 16.81
CA PRO A 21 -3.90 9.77 16.13
C PRO A 21 -2.84 10.23 17.13
N ILE A 22 -1.80 10.88 16.64
CA ILE A 22 -0.76 11.39 17.54
C ILE A 22 -1.25 12.75 18.00
N GLY A 23 -1.94 12.76 19.13
CA GLY A 23 -2.46 13.99 19.68
C GLY A 23 -3.24 13.71 20.94
N SER A 24 -3.82 14.76 21.53
CA SER A 24 -4.58 14.59 22.76
C SER A 24 -6.06 14.92 22.60
N ALA A 25 -6.89 14.24 23.38
CA ALA A 25 -8.32 14.46 23.35
C ALA A 25 -8.65 15.87 23.83
N ILE A 26 -9.53 16.54 23.09
CA ILE A 26 -9.94 17.90 23.41
C ILE A 26 -11.03 17.87 24.49
N SER A 27 -10.93 18.78 25.46
CA SER A 27 -11.92 18.86 26.54
C SER A 27 -13.30 19.15 25.93
N ARG A 28 -14.31 18.40 26.36
CA ARG A 28 -15.66 18.52 25.82
C ARG A 28 -16.65 19.29 26.70
N ASN A 29 -16.18 19.79 27.83
CA ASN A 29 -17.04 20.50 28.76
C ASN A 29 -17.82 21.69 28.19
N ASN A 30 -17.25 22.40 27.23
CA ASN A 30 -17.91 23.57 26.65
C ASN A 30 -18.56 23.29 25.29
N TRP A 31 -18.52 22.04 24.85
CA TRP A 31 -19.09 21.68 23.55
C TRP A 31 -20.60 21.81 23.44
N ALA A 32 -21.05 22.16 22.22
CA ALA A 32 -22.47 22.25 21.91
C ALA A 32 -22.65 21.20 20.81
N VAL A 33 -23.43 20.17 21.10
CA VAL A 33 -23.66 19.10 20.14
C VAL A 33 -25.09 19.04 19.62
N THR A 34 -25.24 18.64 18.35
CA THR A 34 -26.53 18.52 17.71
C THR A 34 -26.56 17.27 16.83
N CYS A 35 -27.74 16.68 16.68
CA CYS A 35 -27.88 15.49 15.85
C CYS A 35 -29.18 15.58 15.05
N ASP A 36 -29.31 14.75 14.02
CA ASP A 36 -30.52 14.81 13.21
C ASP A 36 -31.75 14.33 13.97
N SER A 37 -31.55 13.44 14.94
CA SER A 37 -32.64 12.94 15.78
C SER A 37 -32.06 12.18 16.96
N ALA A 38 -32.83 12.10 18.04
CA ALA A 38 -32.39 11.40 19.25
C ALA A 38 -33.57 10.93 20.07
N GLN A 39 -33.59 9.64 20.38
CA GLN A 39 -34.67 9.04 21.18
C GLN A 39 -34.59 9.57 22.60
N SER A 40 -35.75 9.67 23.26
CA SER A 40 -35.77 10.14 24.64
C SER A 40 -35.04 9.09 25.47
N GLY A 41 -34.05 9.54 26.24
CA GLY A 41 -33.29 8.61 27.06
C GLY A 41 -31.93 8.37 26.42
N ASN A 42 -31.83 8.67 25.13
CA ASN A 42 -30.58 8.50 24.40
C ASN A 42 -30.25 9.82 23.71
N GLU A 43 -30.32 10.89 24.50
CA GLU A 43 -30.03 12.22 23.99
C GLU A 43 -28.66 12.30 23.35
N CYS A 44 -28.46 13.35 22.57
CA CYS A 44 -27.24 13.59 21.85
C CYS A 44 -26.03 13.87 22.74
N ASN A 45 -26.26 14.43 23.92
CA ASN A 45 -25.16 14.71 24.83
C ASN A 45 -24.69 13.46 25.54
N LYS A 46 -25.40 12.36 25.33
CA LYS A 46 -25.05 11.08 25.93
C LYS A 46 -23.77 10.54 25.31
N ALA A 47 -23.39 11.10 24.17
CA ALA A 47 -22.17 10.67 23.49
C ALA A 47 -20.95 11.44 24.01
N ILE A 48 -21.18 12.42 24.87
CA ILE A 48 -20.08 13.21 25.44
C ILE A 48 -20.18 13.36 26.95
N ASP A 49 -20.81 12.41 27.63
CA ASP A 49 -20.96 12.49 29.08
C ASP A 49 -19.90 11.70 29.85
N GLY A 50 -19.01 11.02 29.13
CA GLY A 50 -17.96 10.26 29.77
C GLY A 50 -18.36 8.89 30.27
N ASN A 51 -19.64 8.56 30.14
CA ASN A 51 -20.14 7.26 30.59
C ASN A 51 -20.17 6.30 29.39
N LYS A 52 -19.35 5.25 29.46
CA LYS A 52 -19.29 4.28 28.38
C LYS A 52 -20.56 3.46 28.25
N ASP A 53 -21.40 3.50 29.28
CA ASP A 53 -22.64 2.74 29.28
C ASP A 53 -23.86 3.53 28.81
N THR A 54 -23.66 4.79 28.45
CA THR A 54 -24.75 5.63 27.95
C THR A 54 -24.43 5.98 26.50
N PHE A 55 -25.45 6.01 25.66
CA PHE A 55 -25.24 6.34 24.25
C PHE A 55 -26.35 7.13 23.59
N TRP A 56 -25.96 7.85 22.54
CA TRP A 56 -26.90 8.61 21.73
C TRP A 56 -27.48 7.56 20.79
N HIS A 57 -28.76 7.69 20.46
CA HIS A 57 -29.42 6.76 19.55
C HIS A 57 -30.47 7.56 18.79
N THR A 58 -30.52 7.37 17.48
CA THR A 58 -31.50 8.07 16.66
C THR A 58 -32.90 7.51 16.88
N PHE A 59 -33.91 8.21 16.35
CA PHE A 59 -35.31 7.79 16.50
C PHE A 59 -35.56 6.32 16.18
N TYR A 60 -36.41 5.70 16.99
CA TYR A 60 -36.79 4.30 16.79
C TYR A 60 -38.11 4.05 17.53
N GLY A 61 -38.71 2.89 17.26
CA GLY A 61 -39.96 2.54 17.92
C GLY A 61 -41.11 3.48 17.62
N ALA A 62 -41.70 4.06 18.68
CA ALA A 62 -42.83 4.96 18.54
C ALA A 62 -42.55 6.20 17.69
N ASN A 63 -41.29 6.60 17.60
CA ASN A 63 -40.93 7.78 16.81
C ASN A 63 -40.64 7.42 15.36
N GLY A 64 -40.82 6.15 15.02
CA GLY A 64 -40.55 5.71 13.67
C GLY A 64 -39.09 5.30 13.58
N ASP A 65 -38.67 4.75 12.45
CA ASP A 65 -37.29 4.31 12.28
C ASP A 65 -36.61 4.95 11.07
N PRO A 66 -36.34 6.28 11.15
CA PRO A 66 -35.69 6.98 10.04
C PRO A 66 -34.33 6.39 9.68
N LYS A 67 -34.13 6.15 8.39
CA LYS A 67 -32.88 5.56 7.91
C LYS A 67 -31.75 6.56 7.76
N PRO A 68 -30.51 6.07 7.57
CA PRO A 68 -29.35 6.95 7.41
C PRO A 68 -29.53 7.74 6.11
N PRO A 69 -28.68 8.76 5.89
CA PRO A 69 -27.59 9.22 6.76
C PRO A 69 -28.04 9.87 8.07
N HIS A 70 -27.22 9.69 9.10
CA HIS A 70 -27.48 10.29 10.41
C HIS A 70 -26.23 11.12 10.70
N THR A 71 -26.42 12.26 11.35
CA THR A 71 -25.30 13.16 11.62
C THR A 71 -25.13 13.58 13.07
N TYR A 72 -23.86 13.71 13.48
CA TYR A 72 -23.51 14.17 14.82
C TYR A 72 -22.60 15.37 14.58
N THR A 73 -23.03 16.54 15.02
CA THR A 73 -22.25 17.77 14.81
C THR A 73 -21.77 18.38 16.13
N ILE A 74 -20.49 18.75 16.16
CA ILE A 74 -19.85 19.31 17.34
C ILE A 74 -19.34 20.74 17.16
N ASP A 75 -19.74 21.63 18.05
CA ASP A 75 -19.25 23.01 18.03
C ASP A 75 -18.32 23.08 19.23
N MET A 76 -17.01 23.12 18.97
CA MET A 76 -16.02 23.16 20.04
C MET A 76 -15.81 24.55 20.63
N LYS A 77 -16.56 25.52 20.12
CA LYS A 77 -16.52 26.91 20.58
C LYS A 77 -15.27 27.72 20.23
N THR A 78 -14.14 27.03 20.07
CA THR A 78 -12.89 27.69 19.73
C THR A 78 -12.14 26.85 18.69
N THR A 79 -11.25 27.49 17.94
CA THR A 79 -10.48 26.78 16.91
C THR A 79 -9.42 25.88 17.52
N GLN A 80 -9.31 24.68 16.96
CA GLN A 80 -8.34 23.68 17.41
C GLN A 80 -7.67 23.08 16.18
N ASN A 81 -6.45 22.60 16.34
CA ASN A 81 -5.74 21.96 15.23
C ASN A 81 -6.11 20.47 15.28
N VAL A 82 -7.23 20.15 14.65
CA VAL A 82 -7.78 18.80 14.64
C VAL A 82 -7.09 17.80 13.71
N ASN A 83 -6.74 16.64 14.25
CA ASN A 83 -6.11 15.61 13.44
C ASN A 83 -6.74 14.22 13.60
N GLY A 84 -7.93 14.16 14.20
CA GLY A 84 -8.59 12.89 14.34
C GLY A 84 -9.80 12.89 15.26
N LEU A 85 -10.52 11.78 15.25
CA LEU A 85 -11.68 11.60 16.11
C LEU A 85 -11.83 10.13 16.44
N SER A 86 -12.48 9.85 17.57
CA SER A 86 -12.71 8.47 17.98
C SER A 86 -14.19 8.26 18.24
N MET A 87 -14.62 7.02 18.01
CA MET A 87 -16.02 6.66 18.19
C MET A 87 -16.10 5.34 18.94
N LEU A 88 -16.65 5.39 20.15
CA LEU A 88 -16.82 4.19 20.97
C LEU A 88 -18.28 3.78 20.78
N PRO A 89 -18.53 2.59 20.22
CA PRO A 89 -19.90 2.12 20.01
C PRO A 89 -20.57 1.66 21.31
N ARG A 90 -21.88 1.42 21.26
CA ARG A 90 -22.60 0.97 22.44
C ARG A 90 -21.91 -0.30 22.94
N GLN A 91 -21.80 -0.43 24.27
CA GLN A 91 -21.11 -1.55 24.89
C GLN A 91 -21.98 -2.58 25.60
N ASP A 92 -23.27 -2.63 25.28
CA ASP A 92 -24.16 -3.58 25.94
C ASP A 92 -24.35 -4.91 25.23
N GLY A 93 -23.58 -5.15 24.17
CA GLY A 93 -23.72 -6.39 23.44
C GLY A 93 -24.66 -6.27 22.26
N ASN A 94 -25.52 -5.26 22.32
CA ASN A 94 -26.49 -5.01 21.25
C ASN A 94 -25.74 -4.25 20.15
N GLN A 95 -26.00 -4.60 18.89
CA GLN A 95 -25.32 -3.97 17.77
C GLN A 95 -26.10 -2.88 17.04
N ASN A 96 -27.32 -2.61 17.48
CA ASN A 96 -28.15 -1.59 16.82
C ASN A 96 -27.52 -0.21 16.84
N GLY A 97 -27.23 0.32 15.66
CA GLY A 97 -26.64 1.63 15.58
C GLY A 97 -25.15 1.66 15.30
N TRP A 98 -24.48 0.52 15.40
CA TRP A 98 -23.05 0.46 15.10
C TRP A 98 -22.83 1.08 13.73
N ILE A 99 -21.90 2.04 13.65
CA ILE A 99 -21.63 2.72 12.39
C ILE A 99 -20.69 1.95 11.45
N GLY A 100 -21.12 1.81 10.20
CA GLY A 100 -20.31 1.13 9.19
C GLY A 100 -19.67 2.17 8.30
N ARG A 101 -20.29 2.47 7.16
CA ARG A 101 -19.77 3.47 6.24
C ARG A 101 -19.96 4.84 6.90
N HIS A 102 -18.98 5.71 6.75
CA HIS A 102 -19.05 7.04 7.39
C HIS A 102 -18.17 8.06 6.70
N GLU A 103 -18.37 9.32 7.09
CA GLU A 103 -17.59 10.45 6.57
C GLU A 103 -17.36 11.44 7.71
N VAL A 104 -16.23 12.12 7.67
CA VAL A 104 -15.90 13.13 8.67
C VAL A 104 -15.60 14.45 7.98
N TYR A 105 -16.20 15.54 8.48
CA TYR A 105 -16.01 16.87 7.91
C TYR A 105 -15.53 17.84 9.00
N LEU A 106 -14.75 18.84 8.59
CA LEU A 106 -14.24 19.87 9.48
C LEU A 106 -14.65 21.23 8.93
N SER A 107 -14.90 22.19 9.81
CA SER A 107 -15.29 23.53 9.37
C SER A 107 -14.84 24.61 10.33
N SER A 108 -14.58 25.79 9.80
CA SER A 108 -14.15 26.92 10.61
C SER A 108 -15.34 27.79 11.01
N ASP A 109 -16.43 27.67 10.25
CA ASP A 109 -17.64 28.47 10.53
C ASP A 109 -18.89 27.66 10.83
N GLY A 110 -18.85 26.36 10.59
CA GLY A 110 -20.02 25.53 10.86
C GLY A 110 -21.08 25.52 9.78
N THR A 111 -20.82 26.22 8.66
CA THR A 111 -21.77 26.27 7.56
C THR A 111 -21.15 25.74 6.27
N ASN A 112 -19.84 25.92 6.13
CA ASN A 112 -19.14 25.40 4.96
C ASN A 112 -18.34 24.20 5.44
N TRP A 113 -18.82 23.00 5.09
CA TRP A 113 -18.17 21.76 5.50
C TRP A 113 -17.21 21.18 4.47
N GLY A 114 -17.27 21.68 3.24
CA GLY A 114 -16.38 21.19 2.19
C GLY A 114 -16.53 19.71 1.88
N SER A 115 -15.42 19.08 1.54
CA SER A 115 -15.41 17.65 1.23
C SER A 115 -14.86 16.91 2.45
N PRO A 116 -15.21 15.62 2.61
CA PRO A 116 -14.73 14.85 3.77
C PRO A 116 -13.21 14.78 3.92
N VAL A 117 -12.74 14.92 5.16
CA VAL A 117 -11.30 14.81 5.43
C VAL A 117 -11.00 13.32 5.59
N ALA A 118 -12.05 12.53 5.80
CA ALA A 118 -11.92 11.09 5.95
C ALA A 118 -13.24 10.40 5.61
N SER A 119 -13.15 9.21 5.04
CA SER A 119 -14.34 8.44 4.70
C SER A 119 -13.91 6.98 4.61
N GLY A 120 -14.87 6.08 4.80
CA GLY A 120 -14.55 4.67 4.73
C GLY A 120 -15.56 3.84 5.50
N SER A 121 -15.11 2.67 5.96
CA SER A 121 -16.00 1.78 6.69
C SER A 121 -15.33 1.20 7.93
N TRP A 122 -16.04 1.24 9.05
CA TRP A 122 -15.51 0.68 10.29
C TRP A 122 -16.01 -0.75 10.46
N PHE A 123 -15.17 -1.60 11.02
CA PHE A 123 -15.51 -3.00 11.25
C PHE A 123 -16.62 -3.13 12.30
N ALA A 124 -17.43 -4.17 12.17
CA ALA A 124 -18.53 -4.40 13.08
C ALA A 124 -18.17 -5.15 14.37
N ASP A 125 -17.69 -4.41 15.36
CA ASP A 125 -17.40 -4.98 16.67
C ASP A 125 -17.42 -3.85 17.70
N SER A 126 -17.26 -4.19 18.98
CA SER A 126 -17.35 -3.20 20.05
C SER A 126 -16.12 -2.34 20.32
N THR A 127 -15.06 -2.52 19.54
CA THR A 127 -13.84 -1.75 19.78
C THR A 127 -13.96 -0.26 19.42
N THR A 128 -13.13 0.54 20.07
CA THR A 128 -13.11 1.96 19.78
C THR A 128 -12.58 2.13 18.35
N LYS A 129 -13.25 2.96 17.56
CA LYS A 129 -12.85 3.21 16.18
C LYS A 129 -12.25 4.60 16.06
N TYR A 130 -11.36 4.78 15.08
CA TYR A 130 -10.74 6.08 14.87
C TYR A 130 -10.78 6.51 13.41
N SER A 131 -10.71 7.82 13.22
CA SER A 131 -10.65 8.43 11.90
C SER A 131 -9.51 9.43 12.10
N ASN A 132 -8.34 9.09 11.57
CA ASN A 132 -7.15 9.95 11.70
C ASN A 132 -6.85 10.61 10.37
N PHE A 133 -6.54 11.90 10.40
CA PHE A 133 -6.30 12.64 9.18
C PHE A 133 -5.36 13.83 9.34
N GLU A 134 -4.98 14.42 8.21
CA GLU A 134 -4.09 15.58 8.23
C GLU A 134 -4.67 16.71 9.07
N THR A 135 -3.81 17.28 9.91
CA THR A 135 -4.20 18.37 10.80
C THR A 135 -4.77 19.57 10.05
N ARG A 136 -5.85 20.14 10.58
CA ARG A 136 -6.45 21.31 9.98
C ARG A 136 -7.19 22.11 11.05
N PRO A 137 -6.97 23.43 11.10
CA PRO A 137 -7.66 24.25 12.09
C PRO A 137 -9.17 24.17 11.87
N ALA A 138 -9.92 23.99 12.95
CA ALA A 138 -11.37 23.91 12.85
C ALA A 138 -12.03 24.13 14.20
N ARG A 139 -13.23 24.69 14.15
CA ARG A 139 -14.00 24.92 15.37
C ARG A 139 -15.17 23.92 15.40
N TYR A 140 -15.55 23.42 14.24
CA TYR A 140 -16.66 22.47 14.13
C TYR A 140 -16.24 21.14 13.49
N VAL A 141 -16.83 20.06 14.00
CA VAL A 141 -16.54 18.72 13.50
C VAL A 141 -17.86 17.98 13.30
N ARG A 142 -17.96 17.25 12.20
CA ARG A 142 -19.18 16.51 11.91
C ARG A 142 -18.90 15.07 11.47
N LEU A 143 -19.61 14.13 12.09
CA LEU A 143 -19.49 12.72 11.74
C LEU A 143 -20.80 12.30 11.10
N VAL A 144 -20.73 11.78 9.90
CA VAL A 144 -21.91 11.32 9.18
C VAL A 144 -21.89 9.80 9.05
N ALA A 145 -22.94 9.16 9.56
CA ALA A 145 -23.06 7.71 9.46
C ALA A 145 -23.84 7.45 8.18
N ILE A 146 -23.16 6.89 7.19
CA ILE A 146 -23.78 6.59 5.88
C ILE A 146 -24.58 5.30 5.93
N THR A 147 -24.05 4.29 6.63
CA THR A 147 -24.75 3.02 6.78
C THR A 147 -24.49 2.45 8.17
N GLU A 148 -25.39 1.57 8.61
CA GLU A 148 -25.25 0.91 9.89
C GLU A 148 -24.58 -0.43 9.61
N ALA A 149 -23.80 -0.92 10.57
CA ALA A 149 -23.06 -2.17 10.42
C ALA A 149 -23.87 -3.35 9.87
N ASN A 150 -25.15 -3.43 10.23
CA ASN A 150 -26.00 -4.53 9.79
C ASN A 150 -27.07 -4.10 8.78
N GLY A 151 -26.94 -2.89 8.25
CA GLY A 151 -27.91 -2.40 7.29
C GLY A 151 -29.21 -1.90 7.89
N GLN A 152 -29.23 -1.75 9.21
CA GLN A 152 -30.42 -1.28 9.92
C GLN A 152 -30.55 0.24 9.78
N PRO A 153 -31.71 0.80 10.15
CA PRO A 153 -31.95 2.24 10.04
C PRO A 153 -31.26 3.17 11.03
N TRP A 154 -30.92 2.66 12.21
CA TRP A 154 -30.36 3.46 13.30
C TRP A 154 -28.85 3.73 13.37
N THR A 155 -28.52 4.73 14.17
CA THR A 155 -27.14 5.12 14.45
C THR A 155 -27.05 5.40 15.95
N SER A 156 -25.98 4.92 16.58
CA SER A 156 -25.78 5.13 18.00
C SER A 156 -24.29 5.31 18.27
N ILE A 157 -23.97 6.02 19.35
CA ILE A 157 -22.59 6.27 19.75
C ILE A 157 -22.54 6.40 21.26
N ALA A 158 -21.66 5.64 21.91
CA ALA A 158 -21.54 5.70 23.36
C ALA A 158 -20.65 6.87 23.79
N GLU A 159 -19.55 7.08 23.07
CA GLU A 159 -18.63 8.18 23.36
C GLU A 159 -17.91 8.66 22.10
N ILE A 160 -17.92 9.97 21.88
CA ILE A 160 -17.24 10.54 20.73
C ILE A 160 -16.22 11.57 21.23
N ASN A 161 -15.00 11.50 20.69
CA ASN A 161 -13.93 12.42 21.07
C ASN A 161 -13.23 12.98 19.83
N VAL A 162 -12.61 14.15 19.99
CA VAL A 162 -11.88 14.79 18.90
C VAL A 162 -10.47 15.08 19.39
N PHE A 163 -9.48 14.85 18.54
CA PHE A 163 -8.08 15.03 18.91
C PHE A 163 -7.37 16.20 18.25
N GLN A 164 -6.46 16.81 18.99
CA GLN A 164 -5.70 17.94 18.48
C GLN A 164 -4.22 17.62 18.39
N ALA A 165 -3.58 18.09 17.33
CA ALA A 165 -2.15 17.88 17.12
C ALA A 165 -1.39 18.90 17.97
N SER A 166 -0.09 18.69 18.12
CA SER A 166 0.73 19.61 18.90
C SER A 166 0.95 20.93 18.18
N SER A 167 0.70 20.95 16.87
CA SER A 167 0.87 22.16 16.07
C SER A 167 0.28 21.98 14.67
N TYR A 168 0.29 23.06 13.89
CA TYR A 168 -0.20 23.03 12.53
C TYR A 168 0.69 23.87 11.61
N THR A 169 0.98 23.32 10.44
CA THR A 169 1.81 24.01 9.45
C THR A 169 1.14 23.80 8.10
N ALA A 170 0.74 24.89 7.46
CA ALA A 170 0.08 24.81 6.17
C ALA A 170 0.97 24.14 5.12
N PRO A 171 0.38 23.35 4.21
CA PRO A 171 1.16 22.68 3.18
C PRO A 171 1.75 23.73 2.23
N GLN A 172 2.93 23.44 1.69
CA GLN A 172 3.58 24.37 0.77
C GLN A 172 3.08 24.16 -0.65
N PRO A 173 2.83 25.24 -1.39
CA PRO A 173 2.36 25.08 -2.76
C PRO A 173 3.44 24.41 -3.61
N GLY A 174 3.01 23.54 -4.52
CA GLY A 174 3.94 22.85 -5.40
C GLY A 174 4.56 21.56 -4.90
N LEU A 175 4.27 21.16 -3.67
CA LEU A 175 4.85 19.94 -3.11
C LEU A 175 3.82 18.83 -2.86
N GLY A 176 2.76 18.80 -3.66
CA GLY A 176 1.74 17.78 -3.50
C GLY A 176 0.81 17.99 -2.32
N ARG A 177 -0.11 17.05 -2.13
CA ARG A 177 -1.06 17.16 -1.04
C ARG A 177 -1.48 15.79 -0.51
N TRP A 178 -1.61 15.70 0.82
CA TRP A 178 -2.04 14.47 1.47
C TRP A 178 -3.52 14.61 1.82
N GLY A 179 -4.28 13.53 1.63
CA GLY A 179 -5.68 13.54 1.94
C GLY A 179 -6.57 13.15 0.77
N PRO A 180 -7.76 12.59 1.03
CA PRO A 180 -8.30 12.29 2.37
C PRO A 180 -7.80 10.97 2.93
N THR A 181 -8.29 10.65 4.12
CA THR A 181 -7.96 9.38 4.77
C THR A 181 -9.07 8.41 4.39
N ILE A 182 -8.70 7.15 4.17
CA ILE A 182 -9.65 6.10 3.86
C ILE A 182 -9.65 5.20 5.09
N ASP A 183 -10.77 5.19 5.83
CA ASP A 183 -10.89 4.35 7.03
C ASP A 183 -11.26 2.93 6.60
N LEU A 184 -10.61 1.96 7.21
CA LEU A 184 -10.81 0.55 6.85
C LEU A 184 -11.21 -0.37 8.00
N PRO A 185 -11.74 -1.56 7.68
CA PRO A 185 -12.15 -2.54 8.69
C PRO A 185 -11.03 -3.55 8.98
N ILE A 186 -9.85 -3.33 8.38
CA ILE A 186 -8.69 -4.19 8.59
C ILE A 186 -7.43 -3.34 8.50
N VAL A 187 -6.30 -3.93 8.88
CA VAL A 187 -5.01 -3.27 8.77
C VAL A 187 -4.53 -3.79 7.41
N PRO A 188 -4.35 -2.89 6.42
CA PRO A 188 -3.90 -3.31 5.09
C PRO A 188 -2.40 -3.61 5.03
N ALA A 189 -2.00 -4.74 5.63
CA ALA A 189 -0.60 -5.17 5.68
C ALA A 189 -0.05 -5.65 4.34
N ALA A 190 -0.95 -6.05 3.44
CA ALA A 190 -0.60 -6.51 2.11
C ALA A 190 -1.66 -5.91 1.19
N ALA A 191 -1.27 -5.55 -0.02
CA ALA A 191 -2.24 -4.96 -0.93
C ALA A 191 -1.82 -5.09 -2.39
N ALA A 192 -2.77 -4.84 -3.28
CA ALA A 192 -2.50 -4.92 -4.71
C ALA A 192 -3.59 -4.15 -5.45
N ILE A 193 -3.27 -3.71 -6.66
CA ILE A 193 -4.27 -3.06 -7.47
C ILE A 193 -4.75 -4.20 -8.35
N GLU A 194 -5.96 -4.68 -8.09
CA GLU A 194 -6.53 -5.79 -8.86
C GLU A 194 -6.95 -5.21 -10.20
N PRO A 195 -6.25 -5.58 -11.29
CA PRO A 195 -6.52 -5.09 -12.64
C PRO A 195 -7.90 -5.26 -13.29
N THR A 196 -8.57 -6.38 -13.04
CA THR A 196 -9.87 -6.57 -13.67
C THR A 196 -10.97 -5.70 -13.07
N SER A 197 -10.81 -5.31 -11.81
CA SER A 197 -11.81 -4.47 -11.15
C SER A 197 -11.36 -3.02 -10.97
N GLY A 198 -10.05 -2.81 -10.93
CA GLY A 198 -9.52 -1.47 -10.75
C GLY A 198 -9.55 -1.02 -9.30
N ARG A 199 -9.86 -1.96 -8.41
CA ARG A 199 -9.93 -1.67 -6.98
C ARG A 199 -8.65 -1.99 -6.25
N VAL A 200 -8.48 -1.40 -5.07
CA VAL A 200 -7.32 -1.67 -4.25
C VAL A 200 -7.74 -2.84 -3.36
N LEU A 201 -7.06 -3.98 -3.52
CA LEU A 201 -7.36 -5.16 -2.70
C LEU A 201 -6.40 -5.14 -1.52
N MET A 202 -6.93 -5.37 -0.32
CA MET A 202 -6.11 -5.34 0.89
C MET A 202 -6.41 -6.55 1.76
N TRP A 203 -5.38 -7.08 2.42
CA TRP A 203 -5.58 -8.24 3.28
C TRP A 203 -4.53 -8.37 4.37
N SER A 204 -4.85 -9.15 5.39
CA SER A 204 -3.93 -9.38 6.50
C SER A 204 -4.28 -10.71 7.14
N SER A 205 -3.36 -11.21 7.97
CA SER A 205 -3.59 -12.46 8.69
C SER A 205 -4.14 -12.04 10.05
N TYR A 206 -4.45 -12.99 10.93
CA TYR A 206 -4.97 -12.62 12.24
C TYR A 206 -4.23 -13.28 13.39
N ARG A 207 -3.94 -12.48 14.42
CA ARG A 207 -3.25 -12.94 15.61
C ARG A 207 -3.45 -11.91 16.72
N ASN A 208 -3.68 -12.39 17.94
CA ASN A 208 -3.86 -11.51 19.07
C ASN A 208 -3.64 -12.30 20.36
N ASP A 209 -2.46 -12.16 20.93
CA ASP A 209 -2.09 -12.87 22.15
C ASP A 209 -2.88 -12.44 23.38
N ALA A 210 -3.69 -11.40 23.25
CA ALA A 210 -4.49 -10.91 24.36
C ALA A 210 -5.65 -11.87 24.61
N PHE A 211 -5.94 -12.70 23.61
CA PHE A 211 -7.02 -13.67 23.69
C PHE A 211 -6.44 -15.08 23.75
N GLY A 212 -5.30 -15.27 23.10
CA GLY A 212 -4.67 -16.57 23.08
C GLY A 212 -5.48 -17.58 22.28
N GLY A 213 -4.94 -18.77 22.11
CA GLY A 213 -5.64 -19.79 21.35
C GLY A 213 -5.91 -19.33 19.93
N SER A 214 -4.87 -19.33 19.11
CA SER A 214 -4.98 -18.90 17.72
C SER A 214 -5.99 -19.70 16.91
N PRO A 215 -6.90 -19.00 16.20
CA PRO A 215 -7.91 -19.65 15.37
C PRO A 215 -7.25 -20.56 14.33
N GLY A 216 -6.36 -19.98 13.53
CA GLY A 216 -5.65 -20.76 12.54
C GLY A 216 -6.09 -20.65 11.09
N GLY A 217 -5.12 -20.36 10.22
CA GLY A 217 -5.36 -20.26 8.79
C GLY A 217 -6.47 -19.33 8.34
N ILE A 218 -6.50 -18.11 8.89
CA ILE A 218 -7.53 -17.13 8.54
C ILE A 218 -6.95 -15.93 7.80
N THR A 219 -7.63 -15.51 6.75
CA THR A 219 -7.22 -14.33 5.98
C THR A 219 -8.36 -13.32 6.03
N LEU A 220 -8.04 -12.08 6.39
CA LEU A 220 -9.04 -11.01 6.46
C LEU A 220 -8.83 -10.13 5.23
N THR A 221 -9.90 -9.85 4.49
CA THR A 221 -9.78 -9.08 3.26
C THR A 221 -10.80 -7.94 3.13
N SER A 222 -10.39 -6.86 2.45
CA SER A 222 -11.25 -5.72 2.19
C SER A 222 -10.79 -5.09 0.87
N SER A 223 -11.48 -4.06 0.42
CA SER A 223 -11.12 -3.39 -0.82
C SER A 223 -11.68 -1.98 -0.83
N TRP A 224 -11.07 -1.12 -1.64
CA TRP A 224 -11.50 0.26 -1.80
C TRP A 224 -11.60 0.52 -3.30
N ASP A 225 -12.77 1.00 -3.73
CA ASP A 225 -13.01 1.29 -5.14
C ASP A 225 -12.84 2.78 -5.38
N PRO A 226 -11.79 3.19 -6.10
CA PRO A 226 -11.56 4.61 -6.37
C PRO A 226 -12.72 5.31 -7.10
N SER A 227 -13.44 4.58 -7.93
CA SER A 227 -14.54 5.16 -8.70
C SER A 227 -15.79 5.44 -7.88
N THR A 228 -16.02 4.67 -6.81
CA THR A 228 -17.20 4.87 -5.97
C THR A 228 -16.86 5.34 -4.56
N GLY A 229 -15.60 5.14 -4.17
CA GLY A 229 -15.18 5.53 -2.84
C GLY A 229 -15.64 4.56 -1.77
N ILE A 230 -16.20 3.43 -2.21
CA ILE A 230 -16.71 2.43 -1.29
C ILE A 230 -15.66 1.43 -0.78
N VAL A 231 -15.67 1.21 0.53
CA VAL A 231 -14.79 0.26 1.18
C VAL A 231 -15.68 -0.95 1.51
N SER A 232 -15.36 -2.10 0.94
CA SER A 232 -16.18 -3.29 1.17
C SER A 232 -16.00 -3.86 2.57
N ASP A 233 -17.05 -4.52 3.08
CA ASP A 233 -17.02 -5.12 4.40
C ASP A 233 -15.93 -6.19 4.49
N ARG A 234 -15.33 -6.30 5.67
CA ARG A 234 -14.28 -7.29 5.89
C ARG A 234 -14.82 -8.70 5.67
N THR A 235 -14.04 -9.53 4.97
CA THR A 235 -14.44 -10.91 4.76
C THR A 235 -13.44 -11.79 5.51
N VAL A 236 -13.92 -12.90 6.05
CA VAL A 236 -13.09 -13.83 6.78
C VAL A 236 -13.05 -15.13 5.98
N THR A 237 -11.86 -15.49 5.51
CA THR A 237 -11.72 -16.71 4.71
C THR A 237 -10.81 -17.73 5.38
N VAL A 238 -11.29 -18.97 5.46
CA VAL A 238 -10.50 -20.05 6.04
C VAL A 238 -9.62 -20.57 4.91
N THR A 239 -8.48 -19.91 4.72
CA THR A 239 -7.53 -20.25 3.67
C THR A 239 -6.55 -21.32 4.12
N LYS A 240 -6.51 -21.59 5.43
CA LYS A 240 -5.58 -22.55 5.99
C LYS A 240 -4.18 -22.06 5.64
N HIS A 241 -4.08 -20.75 5.44
CA HIS A 241 -2.82 -20.13 5.08
C HIS A 241 -2.55 -18.89 5.93
N ASP A 242 -1.81 -19.08 7.02
CA ASP A 242 -1.44 -17.99 7.90
C ASP A 242 -0.30 -17.29 7.16
N MET A 243 -0.57 -16.09 6.65
CA MET A 243 0.42 -15.36 5.92
C MET A 243 1.41 -14.61 6.82
N PHE A 244 1.05 -13.40 7.25
CA PHE A 244 1.91 -12.59 8.11
C PHE A 244 3.20 -12.08 7.46
N PRO A 246 4.44 -13.10 3.82
CA PRO A 246 4.48 -13.84 2.55
C PRO A 246 5.14 -13.16 1.37
N GLY A 247 5.30 -13.93 0.32
CA GLY A 247 5.83 -13.39 -0.92
C GLY A 247 4.58 -13.10 -1.73
N ILE A 248 4.65 -12.14 -2.64
CA ILE A 248 3.50 -11.80 -3.48
C ILE A 248 3.94 -11.46 -4.89
N SER A 249 3.22 -12.01 -5.87
CA SER A 249 3.49 -11.74 -7.27
C SER A 249 2.16 -11.75 -8.01
N MET A 250 2.13 -11.09 -9.17
CA MET A 250 0.94 -11.08 -10.01
C MET A 250 1.49 -11.79 -11.24
N ASP A 251 0.98 -12.99 -11.54
CA ASP A 251 1.52 -13.74 -12.66
C ASP A 251 1.25 -13.16 -14.05
N GLY A 252 1.83 -13.83 -15.05
CA GLY A 252 1.68 -13.38 -16.42
C GLY A 252 0.24 -13.27 -16.89
N ASN A 253 -0.67 -13.90 -16.16
CA ASN A 253 -2.08 -13.86 -16.51
C ASN A 253 -2.85 -12.82 -15.68
N GLY A 254 -2.16 -12.21 -14.72
CA GLY A 254 -2.80 -11.19 -13.89
C GLY A 254 -3.33 -11.65 -12.55
N GLN A 255 -3.07 -12.91 -12.19
CA GLN A 255 -3.54 -13.44 -10.92
C GLN A 255 -2.55 -13.25 -9.78
N ILE A 256 -3.09 -12.84 -8.63
CA ILE A 256 -2.28 -12.60 -7.43
C ILE A 256 -1.92 -13.95 -6.78
N VAL A 257 -0.61 -14.15 -6.59
CA VAL A 257 -0.06 -15.36 -6.00
C VAL A 257 0.63 -15.03 -4.68
N VAL A 258 0.11 -15.58 -3.58
CA VAL A 258 0.66 -15.32 -2.25
C VAL A 258 1.30 -16.60 -1.69
N THR A 259 2.56 -16.50 -1.28
CA THR A 259 3.31 -17.65 -0.80
C THR A 259 3.91 -17.61 0.60
N GLY A 260 3.88 -18.76 1.27
CA GLY A 260 4.46 -18.89 2.59
C GLY A 260 3.96 -18.04 3.73
N GLY A 261 4.83 -17.87 4.72
CA GLY A 261 4.48 -17.11 5.90
C GLY A 261 4.47 -18.07 7.08
N ASN A 262 3.52 -17.90 8.00
CA ASN A 262 3.43 -18.78 9.17
C ASN A 262 3.27 -20.21 8.67
N ASP A 263 2.36 -20.40 7.72
CA ASP A 263 2.15 -21.71 7.10
C ASP A 263 3.09 -21.66 5.90
N ALA A 264 4.37 -21.89 6.21
CA ALA A 264 5.50 -21.84 5.30
C ALA A 264 5.46 -22.44 3.89
N LYS A 265 4.64 -23.45 3.64
CA LYS A 265 4.61 -24.03 2.29
C LYS A 265 3.33 -23.76 1.50
N LYS A 266 2.38 -23.06 2.10
CA LYS A 266 1.12 -22.79 1.43
C LYS A 266 1.17 -21.71 0.36
N THR A 267 0.30 -21.85 -0.62
CA THR A 267 0.16 -20.89 -1.72
C THR A 267 -1.34 -20.62 -1.86
N SER A 268 -1.70 -19.35 -1.91
CA SER A 268 -3.09 -18.95 -2.10
C SER A 268 -3.16 -18.07 -3.34
N LEU A 269 -4.23 -18.21 -4.09
CA LEU A 269 -4.44 -17.43 -5.31
C LEU A 269 -5.72 -16.63 -5.18
N TYR A 270 -5.72 -15.40 -5.69
CA TYR A 270 -6.94 -14.62 -5.62
C TYR A 270 -7.71 -14.78 -6.94
N ASP A 271 -8.90 -15.36 -6.86
CA ASP A 271 -9.72 -15.54 -8.04
C ASP A 271 -10.55 -14.26 -8.19
N SER A 272 -10.16 -13.43 -9.14
CA SER A 272 -10.82 -12.14 -9.36
C SER A 272 -12.29 -12.20 -9.77
N SER A 273 -12.67 -13.19 -10.57
CA SER A 273 -14.04 -13.29 -11.02
C SER A 273 -15.01 -13.54 -9.88
N SER A 274 -14.56 -14.26 -8.85
CA SER A 274 -15.43 -14.57 -7.72
C SER A 274 -15.03 -13.87 -6.42
N ASP A 275 -14.09 -12.93 -6.50
CA ASP A 275 -13.62 -12.19 -5.33
C ASP A 275 -13.32 -13.11 -4.16
N SER A 276 -12.47 -14.11 -4.37
CA SER A 276 -12.16 -15.04 -3.29
C SER A 276 -10.78 -15.67 -3.39
N TRP A 277 -10.27 -16.07 -2.22
CA TRP A 277 -8.97 -16.74 -2.13
C TRP A 277 -9.19 -18.23 -2.33
N ILE A 278 -8.47 -18.81 -3.28
CA ILE A 278 -8.58 -20.24 -3.54
C ILE A 278 -7.20 -20.87 -3.32
N PRO A 279 -7.17 -22.16 -3.00
CA PRO A 279 -5.89 -22.83 -2.76
C PRO A 279 -5.03 -23.01 -4.01
N GLY A 280 -3.73 -22.88 -3.82
CA GLY A 280 -2.79 -23.07 -4.89
C GLY A 280 -1.94 -24.26 -4.48
N PRO A 281 -1.01 -24.71 -5.31
CA PRO A 281 -0.16 -25.86 -4.95
C PRO A 281 0.85 -25.49 -3.87
N ASP A 282 1.20 -26.45 -3.03
CA ASP A 282 2.19 -26.23 -1.97
C ASP A 282 3.58 -26.02 -2.58
N MET A 283 4.37 -25.14 -1.98
CA MET A 283 5.74 -24.93 -2.45
C MET A 283 6.53 -26.15 -2.02
N GLN A 284 7.71 -26.34 -2.60
CA GLN A 284 8.56 -27.47 -2.27
C GLN A 284 9.35 -27.22 -0.99
N VAL A 285 9.57 -25.94 -0.67
CA VAL A 285 10.35 -25.56 0.50
C VAL A 285 9.58 -24.56 1.38
N ALA A 286 9.73 -24.69 2.69
CA ALA A 286 9.08 -23.79 3.64
C ALA A 286 9.74 -22.43 3.58
N ARG A 287 8.94 -21.37 3.47
CA ARG A 287 9.49 -20.02 3.38
C ARG A 287 8.66 -18.95 4.09
N GLY A 288 9.36 -17.96 4.63
CA GLY A 288 8.74 -16.83 5.30
C GLY A 288 9.63 -15.62 5.06
N TYR A 289 9.04 -14.44 4.91
CA TYR A 289 9.77 -13.19 4.68
C TYR A 289 10.52 -13.15 3.35
N GLN A 290 10.19 -14.06 2.44
CA GLN A 290 10.86 -14.12 1.15
C GLN A 290 10.17 -13.31 0.07
N SER A 291 10.90 -13.05 -1.01
CA SER A 291 10.35 -12.34 -2.16
C SER A 291 10.10 -13.32 -3.29
N SER A 292 9.12 -13.00 -4.13
CA SER A 292 8.82 -13.80 -5.31
C SER A 292 8.77 -12.80 -6.46
N ALA A 293 9.07 -13.27 -7.67
CA ALA A 293 9.08 -12.39 -8.83
C ALA A 293 8.57 -13.05 -10.10
N THR A 294 7.66 -12.38 -10.79
CA THR A 294 7.13 -12.90 -12.04
C THR A 294 8.23 -12.82 -13.09
N MET A 295 8.29 -13.87 -13.92
CA MET A 295 9.31 -14.01 -14.96
C MET A 295 8.86 -13.67 -16.36
N SER A 296 9.82 -13.64 -17.28
CA SER A 296 9.56 -13.34 -18.69
C SER A 296 8.60 -14.30 -19.37
N ASP A 297 8.47 -15.51 -18.83
CA ASP A 297 7.57 -16.50 -19.41
C ASP A 297 6.27 -16.64 -18.63
N GLY A 298 6.03 -15.74 -17.70
CA GLY A 298 4.80 -15.78 -16.92
C GLY A 298 4.86 -16.60 -15.64
N ARG A 299 5.93 -17.36 -15.45
CA ARG A 299 6.07 -18.16 -14.24
C ARG A 299 6.49 -17.26 -13.08
N VAL A 300 6.50 -17.81 -11.87
CA VAL A 300 6.90 -17.05 -10.69
C VAL A 300 8.07 -17.73 -9.99
N PHE A 301 9.13 -16.96 -9.75
CA PHE A 301 10.34 -17.43 -9.08
C PHE A 301 10.39 -16.94 -7.64
N THR A 302 10.88 -17.77 -6.73
CA THR A 302 11.04 -17.33 -5.35
C THR A 302 12.32 -17.93 -4.79
N ILE A 303 12.94 -17.22 -3.86
CA ILE A 303 14.18 -17.67 -3.25
C ILE A 303 14.26 -17.06 -1.85
N GLY A 304 14.93 -17.77 -0.94
CA GLY A 304 15.03 -17.31 0.43
C GLY A 304 13.82 -17.84 1.21
N GLY A 305 13.84 -17.69 2.53
CA GLY A 305 12.69 -18.18 3.29
C GLY A 305 12.89 -18.25 4.79
N SER A 306 13.81 -17.44 5.30
CA SER A 306 14.10 -17.41 6.74
C SER A 306 14.63 -18.78 7.16
N TRP A 307 14.61 -19.06 8.45
CA TRP A 307 15.14 -20.32 8.93
C TRP A 307 14.07 -21.31 9.39
N SER A 308 14.38 -22.61 9.28
CA SER A 308 13.46 -23.66 9.69
C SER A 308 14.15 -24.75 10.51
N GLY A 309 13.40 -25.33 11.45
CA GLY A 309 13.95 -26.38 12.28
C GLY A 309 14.39 -27.55 11.43
N GLY A 310 15.69 -27.59 11.14
CA GLY A 310 16.24 -28.66 10.32
C GLY A 310 17.47 -28.14 9.58
N VAL A 311 17.74 -28.70 8.41
CA VAL A 311 18.90 -28.28 7.63
C VAL A 311 18.52 -28.04 6.17
N PHE A 312 17.23 -27.83 5.92
CA PHE A 312 16.72 -27.59 4.57
C PHE A 312 17.11 -26.19 4.10
N GLU A 313 17.78 -26.13 2.96
CA GLU A 313 18.21 -24.85 2.39
C GLU A 313 17.05 -24.14 1.70
N LYS A 314 17.16 -22.82 1.60
CA LYS A 314 16.12 -22.01 0.98
C LYS A 314 16.51 -21.52 -0.41
N ASN A 315 16.98 -22.46 -1.23
CA ASN A 315 17.37 -22.14 -2.60
C ASN A 315 16.11 -21.85 -3.41
N GLY A 316 16.26 -21.52 -4.68
CA GLY A 316 15.09 -21.15 -5.48
C GLY A 316 14.12 -22.25 -5.92
N GLU A 317 12.94 -21.80 -6.36
CA GLU A 317 11.95 -22.71 -6.91
C GLU A 317 11.04 -21.89 -7.83
N VAL A 318 10.35 -22.58 -8.74
CA VAL A 318 9.52 -21.90 -9.72
C VAL A 318 8.11 -22.46 -9.84
N TYR A 319 7.15 -21.54 -9.97
CA TYR A 319 5.73 -21.86 -10.08
C TYR A 319 5.21 -21.67 -11.50
N SER A 320 4.43 -22.65 -11.96
CA SER A 320 3.82 -22.57 -13.29
C SER A 320 2.32 -22.43 -13.15
N PRO A 321 1.76 -21.29 -13.61
CA PRO A 321 0.32 -21.06 -13.53
C PRO A 321 -0.47 -22.05 -14.40
N SER A 322 0.17 -22.53 -15.47
CA SER A 322 -0.49 -23.45 -16.39
C SER A 322 -0.60 -24.88 -15.84
N SER A 323 0.48 -25.40 -15.28
CA SER A 323 0.46 -26.75 -14.73
C SER A 323 0.11 -26.76 -13.24
N LYS A 324 0.06 -25.58 -12.64
CA LYS A 324 -0.25 -25.44 -11.21
C LYS A 324 0.69 -26.31 -10.38
N THR A 325 1.98 -26.10 -10.57
CA THR A 325 3.00 -26.85 -9.86
C THR A 325 4.17 -25.96 -9.45
N TRP A 326 4.87 -26.39 -8.39
CA TRP A 326 6.07 -25.72 -7.92
C TRP A 326 7.18 -26.74 -8.14
N THR A 327 8.30 -26.30 -8.67
CA THR A 327 9.44 -27.17 -8.94
C THR A 327 10.70 -26.56 -8.34
N SER A 328 11.41 -27.35 -7.55
CA SER A 328 12.63 -26.87 -6.92
C SER A 328 13.74 -26.62 -7.94
N LEU A 329 14.50 -25.55 -7.70
CA LEU A 329 15.65 -25.18 -8.53
C LEU A 329 16.80 -25.09 -7.51
N PRO A 330 17.22 -26.24 -6.96
CA PRO A 330 18.29 -26.29 -5.96
C PRO A 330 19.63 -25.66 -6.33
N ASN A 331 19.94 -25.58 -7.62
CA ASN A 331 21.21 -24.98 -8.01
C ASN A 331 21.16 -23.46 -8.15
N ALA A 332 19.97 -22.91 -7.93
CA ALA A 332 19.80 -21.44 -7.92
C ALA A 332 20.02 -21.21 -6.42
N LYS A 333 21.29 -21.18 -6.04
CA LYS A 333 21.70 -21.04 -4.64
C LYS A 333 21.45 -19.70 -3.96
N VAL A 334 20.91 -19.77 -2.75
CA VAL A 334 20.62 -18.55 -1.99
C VAL A 334 21.85 -17.97 -1.29
N ASN A 335 22.86 -18.79 -1.00
CA ASN A 335 24.03 -18.28 -0.29
C ASN A 335 24.65 -16.98 -0.80
N PRO A 336 24.84 -16.85 -2.12
CA PRO A 336 25.44 -15.62 -2.64
C PRO A 336 24.70 -14.31 -2.35
N MET A 337 23.41 -14.40 -2.00
CA MET A 337 22.62 -13.19 -1.72
C MET A 337 22.37 -12.91 -0.23
N LEU A 338 22.99 -13.67 0.66
CA LEU A 338 22.78 -13.48 2.09
C LEU A 338 23.47 -12.23 2.64
N THR A 339 22.78 -11.50 3.52
CA THR A 339 23.38 -10.33 4.16
C THR A 339 24.15 -10.86 5.36
N ALA A 340 24.86 -9.97 6.05
CA ALA A 340 25.64 -10.34 7.23
C ALA A 340 24.83 -10.04 8.50
N ASP A 341 23.50 -10.14 8.40
CA ASP A 341 22.61 -9.87 9.53
C ASP A 341 23.06 -10.57 10.81
N LYS A 342 22.98 -9.83 11.92
CA LYS A 342 23.37 -10.37 13.22
C LYS A 342 22.54 -11.58 13.62
N GLN A 343 21.32 -11.68 13.08
CA GLN A 343 20.44 -12.80 13.41
C GLN A 343 20.65 -14.03 12.53
N GLY A 344 21.66 -13.98 11.67
CA GLY A 344 21.95 -15.11 10.81
C GLY A 344 20.88 -15.48 9.80
N LEU A 345 20.75 -16.78 9.55
CA LEU A 345 19.80 -17.30 8.57
C LEU A 345 18.34 -16.88 8.76
N TYR A 346 17.96 -16.53 9.98
CA TYR A 346 16.59 -16.11 10.24
C TYR A 346 16.23 -14.87 9.43
N ARG A 347 17.22 -13.99 9.21
CA ARG A 347 17.00 -12.74 8.49
C ARG A 347 17.80 -12.49 7.22
N SER A 348 18.97 -13.11 7.09
CA SER A 348 19.85 -12.84 5.97
C SER A 348 19.35 -13.01 4.53
N ASP A 349 18.32 -13.84 4.32
CA ASP A 349 17.80 -14.03 2.96
C ASP A 349 16.42 -13.38 2.76
N ASN A 350 16.03 -12.52 3.68
CA ASN A 350 14.74 -11.85 3.62
C ASN A 350 14.61 -10.74 2.58
N HIS A 351 13.39 -10.57 2.09
CA HIS A 351 13.02 -9.51 1.15
C HIS A 351 14.02 -9.14 0.05
N ALA A 352 14.40 -10.12 -0.76
CA ALA A 352 15.34 -9.84 -1.86
C ALA A 352 14.76 -8.82 -2.85
N TRP A 353 15.63 -7.99 -3.42
CA TRP A 353 15.21 -6.99 -4.40
C TRP A 353 15.23 -7.70 -5.76
N LEU A 354 14.19 -8.48 -6.03
CA LEU A 354 14.10 -9.26 -7.26
C LEU A 354 13.39 -8.59 -8.43
N PHE A 355 13.92 -8.82 -9.63
CA PHE A 355 13.33 -8.30 -10.85
C PHE A 355 13.41 -9.34 -11.98
N GLY A 356 12.26 -9.75 -12.51
CA GLY A 356 12.28 -10.70 -13.61
C GLY A 356 12.97 -10.01 -14.78
N TRP A 357 13.79 -10.74 -15.52
CA TRP A 357 14.51 -10.14 -16.64
C TRP A 357 14.53 -11.06 -17.86
N LYS A 358 15.44 -10.80 -18.79
CA LYS A 358 15.53 -11.56 -20.02
C LYS A 358 15.79 -13.07 -19.91
N LYS A 359 15.15 -13.80 -20.81
CA LYS A 359 15.29 -15.24 -20.92
C LYS A 359 15.16 -16.04 -19.63
N GLY A 360 14.10 -15.76 -18.89
CA GLY A 360 13.86 -16.49 -17.65
C GLY A 360 14.74 -16.17 -16.47
N SER A 361 15.64 -15.19 -16.61
CA SER A 361 16.53 -14.81 -15.52
C SER A 361 15.81 -13.90 -14.53
N VAL A 362 16.41 -13.77 -13.36
CA VAL A 362 15.89 -12.89 -12.31
C VAL A 362 17.08 -12.17 -11.70
N PHE A 363 17.04 -10.85 -11.69
CA PHE A 363 18.12 -10.07 -11.12
C PHE A 363 17.85 -9.79 -9.65
N GLN A 364 18.88 -9.98 -8.81
CA GLN A 364 18.78 -9.71 -7.38
C GLN A 364 19.72 -8.53 -7.11
N ALA A 365 19.12 -7.36 -6.88
CA ALA A 365 19.86 -6.11 -6.68
C ALA A 365 20.30 -5.81 -5.26
N GLY A 366 19.81 -6.61 -4.32
CA GLY A 366 20.12 -6.43 -2.91
C GLY A 366 19.07 -7.20 -2.12
N PRO A 367 18.90 -6.94 -0.82
CA PRO A 367 19.60 -5.94 0.01
C PRO A 367 21.09 -6.17 0.26
N SER A 368 21.57 -7.40 0.07
CA SER A 368 22.98 -7.67 0.29
C SER A 368 23.84 -6.80 -0.64
N THR A 369 25.05 -6.49 -0.19
CA THR A 369 25.97 -5.71 -1.00
C THR A 369 26.18 -6.41 -2.34
N ALA A 370 26.33 -7.73 -2.29
CA ALA A 370 26.53 -8.52 -3.49
C ALA A 370 25.24 -8.65 -4.30
N MET A 371 25.33 -8.39 -5.61
CA MET A 371 24.20 -8.51 -6.51
C MET A 371 24.42 -9.80 -7.29
N ASN A 372 23.33 -10.46 -7.69
CA ASN A 372 23.44 -11.73 -8.41
C ASN A 372 22.39 -11.94 -9.49
N TRP A 373 22.74 -12.81 -10.43
CA TRP A 373 21.83 -13.20 -11.51
C TRP A 373 21.35 -14.61 -11.17
N TYR A 374 20.05 -14.83 -11.27
CA TYR A 374 19.47 -16.15 -11.03
C TYR A 374 18.91 -16.66 -12.34
N TYR A 375 19.09 -17.96 -12.58
CA TYR A 375 18.64 -18.58 -13.82
C TYR A 375 17.65 -19.70 -13.52
N THR A 376 16.69 -19.90 -14.41
CA THR A 376 15.64 -20.88 -14.21
C THR A 376 15.57 -22.06 -15.19
N SER A 377 16.61 -22.26 -15.98
CA SER A 377 16.63 -23.40 -16.89
C SER A 377 17.28 -24.56 -16.12
N GLY A 378 16.93 -25.79 -16.47
CA GLY A 378 17.48 -26.92 -15.76
C GLY A 378 17.15 -26.82 -14.28
N SER A 379 18.07 -27.25 -13.42
CA SER A 379 17.83 -27.18 -11.98
C SER A 379 18.27 -25.85 -11.37
N GLY A 380 18.45 -24.84 -12.21
CA GLY A 380 18.82 -23.51 -11.75
C GLY A 380 20.30 -23.18 -11.73
N ASP A 381 20.60 -21.89 -11.59
CA ASP A 381 21.99 -21.44 -11.54
C ASP A 381 22.03 -20.03 -10.93
N VAL A 382 23.22 -19.60 -10.54
CA VAL A 382 23.43 -18.28 -9.98
C VAL A 382 24.81 -17.80 -10.39
N LYS A 383 24.91 -16.52 -10.74
CA LYS A 383 26.18 -15.93 -11.15
C LYS A 383 26.32 -14.54 -10.55
N SER A 384 27.52 -14.23 -10.08
CA SER A 384 27.77 -12.93 -9.48
C SER A 384 27.61 -11.77 -10.47
N ALA A 385 27.05 -10.68 -9.99
CA ALA A 385 26.85 -9.49 -10.81
C ALA A 385 27.63 -8.31 -10.21
N GLY A 386 28.57 -8.61 -9.33
CA GLY A 386 29.36 -7.56 -8.72
C GLY A 386 28.70 -6.97 -7.48
N LYS A 387 29.32 -5.94 -6.91
CA LYS A 387 28.78 -5.30 -5.71
C LYS A 387 28.10 -3.97 -6.00
N ARG A 388 27.04 -3.69 -5.25
CA ARG A 388 26.34 -2.41 -5.39
C ARG A 388 27.33 -1.41 -4.79
N GLN A 389 27.72 -0.41 -5.56
CA GLN A 389 28.70 0.56 -5.10
C GLN A 389 28.71 1.84 -5.93
N SER A 390 29.65 2.73 -5.63
CA SER A 390 29.80 4.00 -6.34
C SER A 390 31.17 4.57 -5.99
N ASN A 391 31.47 5.77 -6.50
CA ASN A 391 32.74 6.41 -6.19
C ASN A 391 32.83 6.75 -4.70
N ARG A 392 31.70 6.63 -3.99
CA ARG A 392 31.66 6.91 -2.56
C ARG A 392 32.02 5.67 -1.74
N GLY A 393 32.13 4.53 -2.41
CA GLY A 393 32.45 3.30 -1.73
C GLY A 393 31.45 2.19 -1.96
N VAL A 394 31.66 1.08 -1.25
CA VAL A 394 30.77 -0.08 -1.37
C VAL A 394 29.52 0.14 -0.53
N ALA A 395 28.37 -0.16 -1.12
CA ALA A 395 27.09 0.01 -0.42
C ALA A 395 26.91 -1.07 0.64
N PRO A 396 26.57 -0.68 1.87
CA PRO A 396 26.38 -1.66 2.94
C PRO A 396 25.07 -2.43 2.76
N ASP A 397 24.96 -3.57 3.45
CA ASP A 397 23.72 -4.35 3.39
C ASP A 397 22.60 -3.38 3.73
N ALA A 398 21.50 -3.45 2.98
CA ALA A 398 20.38 -2.54 3.18
C ALA A 398 19.04 -3.26 3.33
N MET A 399 18.91 -4.05 4.38
CA MET A 399 17.68 -4.79 4.63
C MET A 399 16.51 -3.82 4.73
N CYS A 400 15.45 -4.15 4.01
CA CYS A 400 14.23 -3.36 3.95
C CYS A 400 14.38 -2.01 3.29
N GLY A 401 15.42 -1.90 2.46
CA GLY A 401 15.60 -0.70 1.66
C GLY A 401 14.66 -1.01 0.50
N ASN A 402 14.42 -0.06 -0.39
CA ASN A 402 13.54 -0.28 -1.53
C ASN A 402 14.32 -0.31 -2.85
N ALA A 403 13.72 -0.94 -3.87
CA ALA A 403 14.32 -1.03 -5.20
C ALA A 403 13.17 -0.86 -6.20
N VAL A 404 13.33 0.07 -7.14
CA VAL A 404 12.30 0.37 -8.14
C VAL A 404 12.87 0.47 -9.57
N MET A 405 12.29 -0.30 -10.49
CA MET A 405 12.73 -0.27 -11.89
C MET A 405 11.90 0.81 -12.61
N TYR A 406 12.44 2.02 -12.65
CA TYR A 406 11.72 3.15 -13.26
C TYR A 406 11.86 3.29 -14.77
N ASP A 407 12.78 2.56 -15.38
CA ASP A 407 12.95 2.59 -16.84
C ASP A 407 13.47 1.21 -17.26
N ALA A 408 12.54 0.29 -17.53
CA ALA A 408 12.90 -1.06 -17.90
C ALA A 408 13.63 -1.18 -19.23
N VAL A 409 13.33 -0.29 -20.17
CA VAL A 409 13.97 -0.33 -21.48
C VAL A 409 15.47 -0.09 -21.35
N LYS A 410 15.86 0.83 -20.48
CA LYS A 410 17.28 1.13 -20.26
C LYS A 410 17.84 0.35 -19.07
N GLY A 411 17.01 -0.49 -18.47
CA GLY A 411 17.43 -1.30 -17.32
C GLY A 411 17.75 -0.54 -16.05
N LYS A 412 17.10 0.61 -15.86
CA LYS A 412 17.35 1.45 -14.69
C LYS A 412 16.61 1.07 -13.42
N ILE A 413 17.38 0.85 -12.36
CA ILE A 413 16.83 0.51 -11.05
C ILE A 413 17.37 1.49 -10.01
N LEU A 414 16.46 2.09 -9.24
CA LEU A 414 16.81 3.03 -8.18
C LEU A 414 16.64 2.29 -6.86
N THR A 415 17.69 2.30 -6.03
CA THR A 415 17.65 1.65 -4.72
C THR A 415 17.90 2.69 -3.64
N PHE A 416 17.32 2.50 -2.45
CA PHE A 416 17.48 3.52 -1.40
C PHE A 416 17.03 3.08 0.00
N GLY A 417 17.72 3.61 1.00
CA GLY A 417 17.38 3.33 2.38
C GLY A 417 17.78 1.97 2.94
N GLY A 418 17.08 1.55 3.99
CA GLY A 418 17.37 0.27 4.62
C GLY A 418 18.43 0.37 5.70
N SER A 419 18.63 -0.74 6.41
CA SER A 419 19.62 -0.80 7.49
C SER A 419 20.41 -2.10 7.40
N PRO A 420 21.61 -2.15 8.02
CA PRO A 420 22.42 -3.37 7.97
C PRO A 420 21.77 -4.62 8.55
N ASP A 421 20.99 -4.45 9.61
CA ASP A 421 20.28 -5.55 10.24
C ASP A 421 18.79 -5.29 10.09
N TYR A 422 18.00 -6.35 10.12
CA TYR A 422 16.54 -6.23 9.98
C TYR A 422 15.99 -5.32 11.07
N GLN A 423 16.41 -5.55 12.30
CA GLN A 423 15.93 -4.75 13.42
C GLN A 423 17.03 -4.20 14.32
N ASP A 424 16.67 -3.17 15.07
CA ASP A 424 17.58 -2.53 16.02
C ASP A 424 18.87 -2.02 15.40
N SER A 425 18.78 -1.42 14.21
CA SER A 425 19.95 -0.86 13.57
C SER A 425 19.53 0.41 12.84
N ASP A 426 20.48 1.31 12.65
CA ASP A 426 20.20 2.58 12.00
C ASP A 426 20.14 2.52 10.47
N ALA A 427 19.10 3.13 9.92
CA ALA A 427 18.91 3.20 8.48
C ALA A 427 19.88 4.24 7.91
N THR A 428 20.06 4.23 6.60
CA THR A 428 20.96 5.19 5.97
C THR A 428 20.29 5.93 4.83
N THR A 429 21.01 6.92 4.28
CA THR A 429 20.54 7.72 3.17
C THR A 429 21.08 7.20 1.84
N ASN A 430 21.76 6.05 1.87
CA ASN A 430 22.31 5.44 0.65
C ASN A 430 21.27 5.31 -0.45
N ALA A 431 21.64 5.67 -1.66
CA ALA A 431 20.76 5.54 -2.82
C ALA A 431 21.64 5.34 -4.04
N HIS A 432 21.27 4.40 -4.90
CA HIS A 432 22.06 4.08 -6.09
C HIS A 432 21.21 3.90 -7.35
N ILE A 433 21.86 4.00 -8.50
CA ILE A 433 21.23 3.78 -9.79
C ILE A 433 21.99 2.62 -10.41
N ILE A 434 21.28 1.52 -10.66
CA ILE A 434 21.88 0.35 -11.28
C ILE A 434 21.39 0.29 -12.73
N THR A 435 22.31 0.07 -13.67
CA THR A 435 21.92 -0.01 -15.08
C THR A 435 22.12 -1.43 -15.59
N LEU A 436 21.01 -2.17 -15.74
CA LEU A 436 21.07 -3.56 -16.19
C LEU A 436 21.31 -3.76 -17.67
N GLY A 437 22.15 -4.74 -17.97
CA GLY A 437 22.45 -5.09 -19.34
C GLY A 437 21.94 -6.51 -19.53
N GLU A 438 22.71 -7.34 -20.24
CA GLU A 438 22.31 -8.73 -20.49
C GLU A 438 22.59 -9.61 -19.27
N PRO A 439 21.80 -10.68 -19.11
CA PRO A 439 22.03 -11.58 -17.97
C PRO A 439 23.48 -12.06 -17.96
N GLY A 440 24.06 -12.16 -16.78
CA GLY A 440 25.43 -12.63 -16.67
C GLY A 440 26.49 -11.53 -16.63
N THR A 441 26.11 -10.31 -17.00
CA THR A 441 27.04 -9.19 -16.99
C THR A 441 26.93 -8.39 -15.70
N SER A 442 28.02 -7.75 -15.30
CA SER A 442 28.03 -6.94 -14.09
C SER A 442 27.59 -5.52 -14.45
N PRO A 443 26.42 -5.11 -13.96
CA PRO A 443 25.89 -3.77 -14.25
C PRO A 443 26.67 -2.64 -13.60
N ASN A 444 26.68 -1.49 -14.27
CA ASN A 444 27.34 -0.32 -13.75
C ASN A 444 26.43 0.27 -12.68
N THR A 445 27.02 0.76 -11.60
CA THR A 445 26.25 1.35 -10.51
C THR A 445 26.89 2.68 -10.10
N VAL A 446 26.04 3.66 -9.83
CA VAL A 446 26.48 4.99 -9.39
C VAL A 446 25.58 5.44 -8.24
N PHE A 447 25.98 6.52 -7.56
CA PHE A 447 25.18 7.04 -6.44
C PHE A 447 24.07 7.94 -7.00
N ALA A 448 22.91 7.91 -6.38
CA ALA A 448 21.79 8.74 -6.82
C ALA A 448 21.88 10.09 -6.12
N SER A 449 22.16 11.15 -6.88
CA SER A 449 22.32 12.50 -6.34
C SER A 449 23.25 12.45 -5.12
N ASN A 450 22.79 13.02 -4.00
CA ASN A 450 23.57 13.04 -2.76
C ASN A 450 22.86 12.14 -1.72
N GLY A 451 22.03 11.22 -2.22
CA GLY A 451 21.30 10.32 -1.33
C GLY A 451 20.00 10.90 -0.81
N LEU A 452 19.28 10.11 -0.01
CA LEU A 452 18.00 10.57 0.55
C LEU A 452 18.16 11.75 1.50
N TYR A 453 17.11 12.56 1.60
CA TYR A 453 17.10 13.68 2.54
C TYR A 453 17.00 13.09 3.95
N PHE A 454 16.22 12.01 4.07
CA PHE A 454 16.01 11.38 5.37
C PHE A 454 16.26 9.88 5.37
N ALA A 455 17.19 9.43 6.20
CA ALA A 455 17.50 8.01 6.33
C ALA A 455 16.23 7.31 6.80
N ARG A 456 15.93 6.15 6.23
CA ARG A 456 14.71 5.45 6.60
C ARG A 456 14.73 3.98 6.22
N THR A 457 13.97 3.19 6.97
CA THR A 457 13.79 1.78 6.70
C THR A 457 12.30 1.49 6.96
N PHE A 458 11.78 0.46 6.30
CA PHE A 458 10.37 0.06 6.36
C PHE A 458 9.50 1.04 5.55
N HIS A 459 10.16 1.91 4.80
CA HIS A 459 9.48 2.88 3.94
C HIS A 459 8.98 2.12 2.70
N THR A 460 8.13 2.77 1.92
CA THR A 460 7.59 2.16 0.70
C THR A 460 7.73 3.13 -0.46
N SER A 461 7.58 2.64 -1.69
CA SER A 461 7.76 3.48 -2.86
C SER A 461 7.07 2.97 -4.11
N VAL A 462 6.81 3.90 -5.04
CA VAL A 462 6.17 3.54 -6.31
C VAL A 462 6.70 4.43 -7.43
N VAL A 463 6.79 3.86 -8.63
CA VAL A 463 7.22 4.65 -9.77
C VAL A 463 5.95 5.30 -10.35
N LEU A 464 6.06 6.59 -10.65
CA LEU A 464 4.95 7.38 -11.17
C LEU A 464 4.95 7.45 -12.70
N PRO A 465 3.83 7.87 -13.31
CA PRO A 465 3.72 7.97 -14.78
C PRO A 465 4.87 8.68 -15.49
N ASP A 466 5.39 9.75 -14.89
CA ASP A 466 6.48 10.50 -15.52
C ASP A 466 7.88 9.95 -15.28
N GLY A 467 7.95 8.78 -14.67
CA GLY A 467 9.26 8.18 -14.42
C GLY A 467 9.88 8.50 -13.09
N SER A 468 9.29 9.43 -12.35
CA SER A 468 9.82 9.78 -11.02
C SER A 468 9.39 8.71 -10.02
N THR A 469 10.12 8.61 -8.91
CA THR A 469 9.81 7.63 -7.88
C THR A 469 9.42 8.33 -6.57
N PHE A 470 8.24 7.97 -6.06
CA PHE A 470 7.72 8.51 -4.81
C PHE A 470 8.14 7.59 -3.68
N ILE A 471 8.73 8.19 -2.64
CA ILE A 471 9.26 7.47 -1.48
C ILE A 471 8.60 8.00 -0.22
N THR A 472 8.01 7.13 0.60
CA THR A 472 7.31 7.62 1.78
C THR A 472 7.33 6.73 3.03
N GLY A 473 7.22 7.38 4.17
CA GLY A 473 7.19 6.67 5.45
C GLY A 473 8.52 6.14 5.93
N GLY A 474 8.44 5.14 6.79
CA GLY A 474 9.64 4.54 7.36
C GLY A 474 10.04 5.22 8.66
N GLN A 475 11.13 4.73 9.25
CA GLN A 475 11.66 5.26 10.49
C GLN A 475 13.19 5.21 10.45
N ARG A 476 13.84 6.02 11.28
CA ARG A 476 15.30 6.09 11.32
C ARG A 476 15.97 4.84 11.85
N ARG A 477 15.31 4.15 12.76
CA ARG A 477 15.84 2.93 13.36
C ARG A 477 14.73 1.88 13.29
N GLY A 478 15.03 0.76 12.64
CA GLY A 478 14.04 -0.30 12.47
C GLY A 478 13.65 -1.08 13.71
N ILE A 479 12.43 -0.85 14.19
CA ILE A 479 11.91 -1.54 15.35
C ILE A 479 10.48 -1.97 15.03
N PRO A 480 10.30 -3.16 14.45
CA PRO A 480 8.98 -3.66 14.09
C PRO A 480 7.92 -3.47 15.16
N PHE A 481 6.77 -2.94 14.75
CA PHE A 481 5.62 -2.70 15.61
C PHE A 481 5.69 -1.44 16.47
N GLU A 482 6.82 -0.75 16.44
CA GLU A 482 6.98 0.50 17.21
C GLU A 482 6.98 1.68 16.23
N ASP A 483 6.21 2.72 16.57
CA ASP A 483 6.12 3.90 15.71
C ASP A 483 7.13 5.00 16.06
N SER A 484 8.30 4.58 16.53
CA SER A 484 9.36 5.50 16.92
C SER A 484 10.16 6.05 15.74
N THR A 485 10.91 7.13 16.00
CA THR A 485 11.73 7.85 15.01
C THR A 485 11.12 7.86 13.61
N PRO A 486 9.82 8.21 13.50
CA PRO A 486 9.14 8.25 12.21
C PRO A 486 9.60 9.35 11.26
N VAL A 487 9.56 9.05 9.97
CA VAL A 487 9.92 10.01 8.93
C VAL A 487 8.60 10.40 8.25
N PHE A 488 8.16 11.64 8.48
CA PHE A 488 6.90 12.14 7.93
C PHE A 488 7.00 12.86 6.57
N THR A 489 8.21 13.18 6.14
CA THR A 489 8.39 13.88 4.87
C THR A 489 8.77 12.94 3.73
N PRO A 490 7.90 12.83 2.71
CA PRO A 490 8.19 11.96 1.56
C PRO A 490 9.19 12.64 0.62
N GLU A 491 9.73 11.86 -0.29
CA GLU A 491 10.69 12.37 -1.26
C GLU A 491 10.36 11.82 -2.64
N ILE A 492 10.67 12.60 -3.68
CA ILE A 492 10.45 12.14 -5.06
C ILE A 492 11.78 12.29 -5.81
N TYR A 493 12.19 11.21 -6.46
CA TYR A 493 13.43 11.24 -7.25
C TYR A 493 13.04 11.47 -8.70
N VAL A 494 13.65 12.50 -9.31
CA VAL A 494 13.39 12.82 -10.71
C VAL A 494 14.66 12.45 -11.47
N PRO A 495 14.61 11.33 -12.22
CA PRO A 495 15.78 10.87 -12.98
C PRO A 495 16.45 11.84 -13.96
N GLU A 496 15.66 12.56 -14.74
CA GLU A 496 16.23 13.48 -15.73
C GLU A 496 17.11 14.56 -15.09
N GLN A 497 16.85 14.85 -13.82
CA GLN A 497 17.60 15.86 -13.07
C GLN A 497 18.53 15.25 -12.03
N ASP A 498 18.45 13.94 -11.84
CA ASP A 498 19.25 13.22 -10.83
C ASP A 498 19.14 14.03 -9.54
N THR A 499 17.90 14.30 -9.14
CA THR A 499 17.61 15.10 -7.95
C THR A 499 16.44 14.55 -7.12
N PHE A 500 16.56 14.66 -5.80
CA PHE A 500 15.49 14.26 -4.89
C PHE A 500 14.80 15.55 -4.45
N TYR A 501 13.48 15.49 -4.28
CA TYR A 501 12.69 16.64 -3.86
C TYR A 501 11.81 16.27 -2.67
N LYS A 502 11.88 17.05 -1.58
CA LYS A 502 11.02 16.78 -0.43
C LYS A 502 9.60 17.21 -0.80
N GLN A 503 8.62 16.45 -0.33
CA GLN A 503 7.20 16.77 -0.57
C GLN A 503 6.57 17.20 0.74
N ASN A 504 5.31 17.62 0.72
CA ASN A 504 4.65 18.01 1.95
C ASN A 504 4.53 16.79 2.86
N PRO A 505 4.74 16.98 4.17
CA PRO A 505 4.67 15.88 5.15
C PRO A 505 3.25 15.46 5.55
N ASN A 506 3.13 14.24 6.06
CA ASN A 506 1.83 13.74 6.51
C ASN A 506 1.85 13.60 8.03
N SER A 507 0.75 13.12 8.61
CA SER A 507 0.65 13.02 10.08
C SER A 507 0.56 11.61 10.66
N ILE A 508 0.51 10.60 9.80
CA ILE A 508 0.38 9.22 10.27
C ILE A 508 1.65 8.41 10.02
N VAL A 509 2.12 7.73 11.06
CA VAL A 509 3.33 6.91 10.96
C VAL A 509 3.07 5.68 10.10
N ARG A 510 3.96 5.43 9.14
CA ARG A 510 3.85 4.28 8.25
C ARG A 510 5.18 3.54 8.27
N VAL A 511 5.29 2.56 9.15
CA VAL A 511 6.52 1.81 9.28
C VAL A 511 6.34 0.32 8.98
N TYR A 512 6.80 -0.56 9.85
CA TYR A 512 6.68 -2.00 9.59
C TYR A 512 5.24 -2.38 9.27
N HIS A 513 5.08 -3.12 8.16
CA HIS A 513 3.79 -3.59 7.67
C HIS A 513 2.92 -2.56 6.95
N SER A 514 3.57 -1.50 6.44
CA SER A 514 2.87 -0.47 5.68
C SER A 514 3.06 -0.75 4.19
N ILE A 515 2.22 -0.14 3.35
CA ILE A 515 2.27 -0.35 1.91
C ILE A 515 2.01 0.93 1.11
N SER A 516 2.41 0.91 -0.16
CA SER A 516 2.15 2.01 -1.10
C SER A 516 1.92 1.40 -2.47
N LEU A 517 0.97 1.99 -3.22
CA LEU A 517 0.66 1.53 -4.56
C LEU A 517 0.23 2.68 -5.44
N LEU A 518 0.56 2.60 -6.73
CA LEU A 518 0.15 3.61 -7.68
C LEU A 518 -1.28 3.29 -8.11
N LEU A 519 -2.17 4.29 -8.03
CA LEU A 519 -3.56 4.09 -8.43
C LEU A 519 -3.71 4.40 -9.92
N PRO A 520 -4.71 3.79 -10.57
CA PRO A 520 -4.93 4.04 -11.99
C PRO A 520 -5.13 5.53 -12.29
N ASP A 521 -5.66 6.27 -11.34
CA ASP A 521 -5.89 7.70 -11.57
C ASP A 521 -4.63 8.57 -11.41
N GLY A 522 -3.50 7.93 -11.12
CA GLY A 522 -2.26 8.69 -11.01
C GLY A 522 -1.82 9.17 -9.64
N ARG A 523 -2.65 8.90 -8.63
CA ARG A 523 -2.32 9.30 -7.27
C ARG A 523 -1.72 8.09 -6.55
N VAL A 524 -1.25 8.29 -5.33
CA VAL A 524 -0.64 7.21 -4.55
C VAL A 524 -1.50 6.84 -3.34
N PHE A 525 -1.64 5.54 -3.11
CA PHE A 525 -2.40 4.99 -1.98
C PHE A 525 -1.36 4.46 -1.00
N ASN A 526 -1.28 5.06 0.18
CA ASN A 526 -0.30 4.68 1.21
C ASN A 526 -1.05 4.34 2.49
N GLY A 527 -0.80 3.16 3.05
CA GLY A 527 -1.50 2.79 4.26
C GLY A 527 -0.90 1.65 5.06
N GLY A 528 -1.66 1.21 6.05
CA GLY A 528 -1.21 0.10 6.87
C GLY A 528 -0.23 0.43 7.96
N GLY A 529 0.43 -0.62 8.47
CA GLY A 529 1.39 -0.48 9.54
C GLY A 529 0.86 -1.15 10.78
N GLY A 530 1.70 -1.98 11.40
CA GLY A 530 1.29 -2.66 12.62
C GLY A 530 0.99 -4.15 12.50
N LEU A 531 -0.17 -4.53 13.02
CA LEU A 531 -0.67 -5.91 13.05
C LEU A 531 -0.01 -6.62 14.22
N CYS A 532 -0.29 -6.12 15.43
CA CYS A 532 0.27 -6.68 16.64
C CYS A 532 -0.74 -6.84 17.79
N GLY A 533 -1.92 -7.37 17.46
CA GLY A 533 -2.93 -7.63 18.47
C GLY A 533 -3.53 -6.45 19.21
N ASP A 534 -3.34 -6.44 20.53
CA ASP A 534 -3.87 -5.36 21.37
C ASP A 534 -2.90 -4.18 21.48
N CYS A 535 -1.87 -4.18 20.64
CA CYS A 535 -0.88 -3.08 20.60
C CYS A 535 -1.57 -1.80 20.15
N THR A 536 -0.92 -0.67 20.41
CA THR A 536 -1.46 0.64 20.05
C THR A 536 -1.01 1.14 18.68
N THR A 537 -0.39 0.28 17.88
CA THR A 537 0.11 0.71 16.57
C THR A 537 -0.48 0.05 15.32
N ASN A 538 -1.73 -0.44 15.42
CA ASN A 538 -2.40 -1.05 14.28
C ASN A 538 -3.13 0.05 13.52
N HIS A 539 -2.66 0.40 12.33
CA HIS A 539 -3.31 1.45 11.56
C HIS A 539 -4.36 0.91 10.59
N PHE A 540 -5.62 1.08 10.96
CA PHE A 540 -6.76 0.64 10.16
C PHE A 540 -7.13 1.70 9.11
N ASP A 541 -6.16 2.16 8.35
CA ASP A 541 -6.44 3.19 7.35
C ASP A 541 -5.34 3.37 6.31
N ALA A 542 -5.61 4.29 5.39
CA ALA A 542 -4.69 4.64 4.31
C ALA A 542 -4.96 6.11 3.98
N GLN A 543 -4.03 6.73 3.25
CA GLN A 543 -4.19 8.11 2.83
C GLN A 543 -3.80 8.22 1.38
N ILE A 544 -4.37 9.20 0.70
CA ILE A 544 -4.07 9.45 -0.71
C ILE A 544 -3.06 10.58 -0.80
N PHE A 545 -2.06 10.42 -1.65
CA PHE A 545 -1.10 11.49 -1.89
C PHE A 545 -1.31 11.89 -3.34
N THR A 546 -1.56 13.17 -3.57
CA THR A 546 -1.77 13.69 -4.92
C THR A 546 -0.52 14.46 -5.31
N PRO A 547 0.23 13.94 -6.31
CA PRO A 547 1.46 14.62 -6.75
C PRO A 547 1.21 15.98 -7.36
N ASN A 548 2.23 16.82 -7.31
CA ASN A 548 2.16 18.16 -7.86
C ASN A 548 1.77 18.17 -9.34
N TYR A 549 2.07 17.12 -10.08
CA TYR A 549 1.72 17.12 -11.50
C TYR A 549 0.22 17.16 -11.79
N LEU A 550 -0.61 16.99 -10.77
CA LEU A 550 -2.05 17.03 -10.96
C LEU A 550 -2.66 18.39 -10.57
N TYR A 551 -1.82 19.32 -10.11
CA TYR A 551 -2.27 20.65 -9.70
C TYR A 551 -1.70 21.76 -10.57
N ASN A 552 -2.48 22.83 -10.76
CA ASN A 552 -2.01 23.97 -11.52
C ASN A 552 -1.47 24.98 -10.49
N SER A 553 -0.94 26.10 -10.97
CA SER A 553 -0.38 27.12 -10.09
C SER A 553 -1.40 27.74 -9.14
N ASN A 554 -2.67 27.68 -9.51
CA ASN A 554 -3.75 28.25 -8.70
C ASN A 554 -4.11 27.35 -7.52
N GLY A 555 -3.70 26.10 -7.57
CA GLY A 555 -4.00 25.17 -6.50
C GLY A 555 -5.16 24.26 -6.84
N ASN A 556 -5.75 24.47 -8.01
CA ASN A 556 -6.86 23.64 -8.47
C ASN A 556 -6.32 22.48 -9.31
N LEU A 557 -7.18 21.50 -9.57
CA LEU A 557 -6.77 20.36 -10.37
C LEU A 557 -6.48 20.79 -11.81
N ALA A 558 -5.32 20.40 -12.32
CA ALA A 558 -4.91 20.76 -13.67
C ALA A 558 -5.70 19.96 -14.71
N THR A 559 -5.81 20.52 -15.91
CA THR A 559 -6.49 19.86 -17.01
C THR A 559 -5.62 18.68 -17.45
N ARG A 560 -6.22 17.51 -17.55
CA ARG A 560 -5.48 16.32 -17.93
C ARG A 560 -5.76 15.86 -19.35
N PRO A 561 -4.74 15.31 -20.05
CA PRO A 561 -4.97 14.84 -21.41
C PRO A 561 -5.88 13.62 -21.30
N LYS A 562 -6.62 13.34 -22.36
CA LYS A 562 -7.53 12.20 -22.34
C LYS A 562 -7.34 11.26 -23.52
N ILE A 563 -7.37 9.97 -23.22
CA ILE A 563 -7.25 8.95 -24.24
C ILE A 563 -8.69 8.64 -24.63
N THR A 564 -9.08 9.03 -25.84
CA THR A 564 -10.44 8.85 -26.31
C THR A 564 -10.70 7.51 -27.00
N ARG A 565 -9.63 6.81 -27.37
CA ARG A 565 -9.77 5.53 -28.02
C ARG A 565 -8.47 4.71 -28.05
N THR A 566 -8.60 3.40 -27.97
CA THR A 566 -7.47 2.48 -28.05
C THR A 566 -7.88 1.40 -29.03
N SER A 567 -6.97 1.04 -29.95
CA SER A 567 -7.26 0.03 -30.96
C SER A 567 -7.49 -1.36 -30.38
N THR A 568 -6.90 -1.62 -29.22
CA THR A 568 -7.05 -2.90 -28.55
C THR A 568 -6.67 -2.74 -27.09
N GLN A 569 -7.07 -3.68 -26.25
CA GLN A 569 -6.76 -3.65 -24.83
C GLN A 569 -5.87 -4.82 -24.44
N SER A 570 -5.47 -5.62 -25.42
CA SER A 570 -4.60 -6.76 -25.20
C SER A 570 -3.63 -6.80 -26.37
N VAL A 571 -2.35 -6.96 -26.07
CA VAL A 571 -1.33 -6.99 -27.12
C VAL A 571 -0.18 -7.91 -26.76
N LYS A 572 0.42 -8.53 -27.77
CA LYS A 572 1.56 -9.42 -27.58
C LYS A 572 2.83 -8.56 -27.49
N VAL A 573 3.84 -9.06 -26.79
CA VAL A 573 5.08 -8.30 -26.72
C VAL A 573 5.56 -8.05 -28.15
N GLY A 574 6.07 -6.86 -28.39
CA GLY A 574 6.54 -6.51 -29.73
C GLY A 574 5.42 -5.96 -30.58
N GLY A 575 4.18 -6.08 -30.09
CA GLY A 575 3.02 -5.62 -30.84
C GLY A 575 2.80 -4.12 -30.81
N ARG A 576 1.83 -3.66 -31.61
CA ARG A 576 1.52 -2.24 -31.71
C ARG A 576 0.10 -1.90 -31.27
N ILE A 577 -0.03 -0.73 -30.66
CA ILE A 577 -1.33 -0.22 -30.23
C ILE A 577 -1.45 1.20 -30.74
N THR A 578 -2.63 1.54 -31.25
CA THR A 578 -2.88 2.88 -31.77
C THR A 578 -3.95 3.52 -30.89
N ILE A 579 -3.73 4.78 -30.55
CA ILE A 579 -4.67 5.50 -29.69
C ILE A 579 -5.00 6.87 -30.25
N SER A 580 -6.06 7.47 -29.70
CA SER A 580 -6.49 8.80 -30.07
C SER A 580 -6.58 9.58 -28.77
N THR A 581 -6.19 10.85 -28.82
CA THR A 581 -6.24 11.70 -27.63
C THR A 581 -7.07 12.93 -27.97
N ASP A 582 -7.49 13.67 -26.95
CA ASP A 582 -8.30 14.87 -27.15
C ASP A 582 -7.44 16.06 -27.53
N SER A 583 -6.17 16.00 -27.18
CA SER A 583 -5.21 17.07 -27.45
C SER A 583 -3.83 16.48 -27.67
N SER A 584 -2.88 17.31 -28.07
CA SER A 584 -1.52 16.83 -28.31
C SER A 584 -0.84 16.37 -27.02
N ILE A 585 -0.05 15.31 -27.14
CA ILE A 585 0.69 14.77 -26.00
C ILE A 585 2.17 14.80 -26.35
N SER A 586 3.04 14.68 -25.35
CA SER A 586 4.47 14.72 -25.59
C SER A 586 5.21 13.44 -25.22
N LYS A 587 4.65 12.67 -24.29
CA LYS A 587 5.26 11.41 -23.84
C LYS A 587 4.19 10.41 -23.41
N ALA A 588 4.59 9.16 -23.28
CA ALA A 588 3.67 8.10 -22.86
C ALA A 588 4.46 7.01 -22.16
N SER A 589 3.81 6.30 -21.25
CA SER A 589 4.48 5.24 -20.52
C SER A 589 3.53 4.11 -20.15
N LEU A 590 4.12 2.95 -19.88
CA LEU A 590 3.38 1.76 -19.46
C LEU A 590 3.92 1.40 -18.09
N ILE A 591 3.03 1.29 -17.11
CA ILE A 591 3.43 0.93 -15.75
C ILE A 591 2.69 -0.33 -15.34
N ARG A 592 3.46 -1.37 -15.00
CA ARG A 592 2.87 -2.65 -14.63
C ARG A 592 2.15 -2.57 -13.27
N TYR A 593 0.96 -3.16 -13.18
CA TYR A 593 0.17 -3.14 -11.95
C TYR A 593 0.98 -3.74 -10.80
N GLY A 594 0.91 -3.11 -9.63
CA GLY A 594 1.69 -3.59 -8.50
C GLY A 594 1.03 -4.32 -7.35
N THR A 595 1.88 -4.90 -6.51
CA THR A 595 1.48 -5.62 -5.31
C THR A 595 2.48 -5.18 -4.26
N ALA A 596 2.10 -5.23 -2.99
CA ALA A 596 3.04 -4.78 -1.97
C ALA A 596 2.83 -5.32 -0.57
N THR A 597 3.95 -5.54 0.10
CA THR A 597 4.01 -5.96 1.50
C THR A 597 5.47 -6.00 1.95
N HIS A 598 5.69 -5.63 3.21
CA HIS A 598 7.03 -5.64 3.81
C HIS A 598 8.12 -4.90 3.03
N THR A 599 7.74 -3.83 2.33
CA THR A 599 8.61 -2.97 1.51
C THR A 599 8.89 -3.52 0.12
N VAL A 600 8.41 -4.74 -0.15
CA VAL A 600 8.63 -5.41 -1.42
C VAL A 600 7.51 -5.22 -2.46
N ASN A 601 7.90 -4.92 -3.69
CA ASN A 601 6.97 -4.77 -4.81
C ASN A 601 7.75 -5.19 -6.06
N THR A 602 7.70 -6.47 -6.39
CA THR A 602 8.44 -6.99 -7.54
C THR A 602 7.61 -6.96 -8.82
N ASP A 603 6.38 -6.47 -8.72
CA ASP A 603 5.49 -6.39 -9.88
C ASP A 603 5.50 -5.09 -10.66
N GLN A 604 5.67 -3.97 -9.96
CA GLN A 604 5.69 -2.69 -10.64
C GLN A 604 6.98 -2.48 -11.42
N ARG A 605 6.88 -1.69 -12.50
CA ARG A 605 8.01 -1.31 -13.34
C ARG A 605 7.45 -0.39 -14.43
N ARG A 606 8.31 0.45 -15.01
CA ARG A 606 7.86 1.38 -16.04
C ARG A 606 8.62 1.28 -17.36
N ILE A 607 7.87 1.38 -18.45
CA ILE A 607 8.43 1.36 -19.80
C ILE A 607 8.10 2.68 -20.50
N PRO A 608 9.13 3.46 -20.85
CA PRO A 608 8.88 4.73 -21.55
C PRO A 608 8.56 4.30 -22.97
N LEU A 609 7.45 4.78 -23.53
CA LEU A 609 7.06 4.38 -24.87
C LEU A 609 7.55 5.29 -25.98
N THR A 610 7.94 4.68 -27.10
CA THR A 610 8.40 5.42 -28.26
C THR A 610 7.16 5.63 -29.14
N LEU A 611 6.74 6.89 -29.23
CA LEU A 611 5.54 7.22 -30.00
C LEU A 611 5.78 7.51 -31.47
N THR A 612 4.73 7.31 -32.26
CA THR A 612 4.72 7.60 -33.68
C THR A 612 3.51 8.51 -33.86
N ASN A 613 3.75 9.70 -34.39
CA ASN A 613 2.65 10.65 -34.59
C ASN A 613 2.02 10.44 -35.96
N ASN A 614 0.75 10.06 -35.97
CA ASN A 614 0.04 9.82 -37.22
C ASN A 614 -0.73 11.07 -37.66
N GLY A 615 -0.71 12.09 -36.81
CA GLY A 615 -1.42 13.32 -37.11
C GLY A 615 -2.86 13.21 -36.62
N GLY A 616 -3.52 14.34 -36.43
CA GLY A 616 -4.90 14.33 -35.97
C GLY A 616 -5.06 13.75 -34.57
N ASN A 617 -4.03 13.92 -33.75
CA ASN A 617 -4.03 13.42 -32.37
C ASN A 617 -4.14 11.90 -32.32
N SER A 618 -3.58 11.24 -33.33
CA SER A 618 -3.57 9.79 -33.40
C SER A 618 -2.12 9.37 -33.25
N TYR A 619 -1.85 8.49 -32.28
CA TYR A 619 -0.50 8.03 -32.04
C TYR A 619 -0.48 6.52 -31.91
N SER A 620 0.68 5.93 -32.16
CA SER A 620 0.84 4.49 -32.02
C SER A 620 2.16 4.23 -31.33
N PHE A 621 2.30 3.05 -30.75
CA PHE A 621 3.55 2.70 -30.08
C PHE A 621 3.71 1.19 -30.11
N GLN A 622 4.95 0.75 -30.03
CA GLN A 622 5.26 -0.67 -30.02
C GLN A 622 5.69 -1.07 -28.62
N VAL A 623 5.14 -2.18 -28.12
CA VAL A 623 5.50 -2.68 -26.80
C VAL A 623 6.83 -3.42 -27.02
N PRO A 624 7.80 -3.22 -26.11
CA PRO A 624 9.10 -3.89 -26.26
C PRO A 624 8.94 -5.38 -26.61
N SER A 625 9.77 -5.86 -27.53
CA SER A 625 9.70 -7.25 -27.98
C SER A 625 10.20 -8.28 -26.98
N ASP A 626 11.06 -7.87 -26.06
CA ASP A 626 11.61 -8.78 -25.05
C ASP A 626 10.69 -8.82 -23.83
N SER A 627 10.10 -10.00 -23.57
CA SER A 627 9.18 -10.15 -22.43
C SER A 627 9.89 -10.08 -21.08
N GLY A 628 11.22 -9.99 -21.10
CA GLY A 628 11.98 -9.85 -19.87
C GLY A 628 11.91 -8.40 -19.43
N VAL A 629 11.63 -7.52 -20.38
CA VAL A 629 11.49 -6.09 -20.14
C VAL A 629 9.99 -5.86 -19.95
N ALA A 630 9.21 -6.22 -20.97
CA ALA A 630 7.76 -6.08 -20.93
C ALA A 630 7.17 -7.37 -20.32
N LEU A 631 7.34 -7.53 -19.01
CA LEU A 631 6.83 -8.70 -18.29
C LEU A 631 5.35 -8.89 -18.57
N PRO A 632 4.94 -10.12 -18.93
CA PRO A 632 3.53 -10.36 -19.21
C PRO A 632 2.62 -10.04 -18.03
N GLY A 633 1.40 -9.59 -18.33
CA GLY A 633 0.46 -9.25 -17.28
C GLY A 633 -0.26 -7.97 -17.60
N TYR A 634 -0.88 -7.37 -16.59
CA TYR A 634 -1.62 -6.13 -16.77
C TYR A 634 -0.78 -4.89 -16.52
N TRP A 635 -0.91 -3.91 -17.41
CA TRP A 635 -0.19 -2.65 -17.33
C TRP A 635 -1.12 -1.46 -17.48
N MET A 636 -0.66 -0.31 -16.98
CA MET A 636 -1.40 0.95 -17.08
C MET A 636 -0.76 1.83 -18.14
N LEU A 637 -1.56 2.31 -19.09
CA LEU A 637 -1.06 3.20 -20.12
C LEU A 637 -1.38 4.64 -19.72
N PHE A 638 -0.34 5.46 -19.64
CA PHE A 638 -0.48 6.88 -19.29
C PHE A 638 0.11 7.74 -20.41
N VAL A 639 -0.56 8.83 -20.73
CA VAL A 639 -0.02 9.76 -21.73
C VAL A 639 0.13 11.09 -20.97
N MET A 640 1.17 11.85 -21.31
CA MET A 640 1.44 13.13 -20.64
C MET A 640 1.53 14.28 -21.65
N ASN A 641 1.06 15.46 -21.26
CA ASN A 641 1.16 16.62 -22.14
C ASN A 641 2.48 17.34 -21.89
N SER A 642 2.74 18.41 -22.63
CA SER A 642 3.98 19.17 -22.50
C SER A 642 4.17 19.76 -21.10
N ALA A 643 3.10 19.94 -20.35
CA ALA A 643 3.17 20.50 -19.01
C ALA A 643 3.51 19.43 -17.96
N GLY A 644 3.61 18.18 -18.39
CA GLY A 644 3.93 17.10 -17.48
C GLY A 644 2.74 16.48 -16.78
N VAL A 645 1.54 16.85 -17.20
CA VAL A 645 0.32 16.31 -16.58
C VAL A 645 -0.10 15.00 -17.25
N PRO A 646 -0.29 13.94 -16.46
CA PRO A 646 -0.69 12.64 -16.99
C PRO A 646 -2.19 12.42 -17.07
N SER A 647 -2.59 11.54 -17.98
CA SER A 647 -3.98 11.17 -18.15
C SER A 647 -4.24 10.15 -17.04
N VAL A 648 -5.47 9.65 -16.93
CA VAL A 648 -5.72 8.60 -15.97
C VAL A 648 -5.28 7.38 -16.81
N ALA A 649 -5.12 6.23 -16.18
CA ALA A 649 -4.66 5.06 -16.91
C ALA A 649 -5.69 4.30 -17.74
N SER A 650 -5.21 3.72 -18.84
CA SER A 650 -6.03 2.88 -19.70
C SER A 650 -5.38 1.51 -19.49
N THR A 651 -6.18 0.52 -19.11
CA THR A 651 -5.66 -0.81 -18.84
C THR A 651 -5.32 -1.60 -20.10
N ILE A 652 -4.11 -2.13 -20.13
CA ILE A 652 -3.62 -2.92 -21.26
C ILE A 652 -3.03 -4.24 -20.77
N ARG A 653 -3.43 -5.35 -21.39
CA ARG A 653 -2.88 -6.64 -21.01
C ARG A 653 -1.80 -7.02 -22.02
N VAL A 654 -0.62 -7.34 -21.52
CA VAL A 654 0.50 -7.74 -22.36
C VAL A 654 0.65 -9.26 -22.28
N THR A 655 0.69 -9.89 -23.46
CA THR A 655 0.82 -11.35 -23.54
C THR A 655 2.07 -11.72 -24.32
N GLN A 656 2.38 -13.02 -24.34
CA GLN A 656 3.55 -13.51 -25.05
C GLN A 656 3.17 -13.92 -26.47
#